data_4WPD
#
_entry.id   4WPD
#
_cell.length_a   78.801
_cell.length_b   95.458
_cell.length_c   106.715
_cell.angle_alpha   90.00
_cell.angle_beta   90.00
_cell.angle_gamma   90.00
#
_symmetry.space_group_name_H-M   'P 21 21 21'
#
loop_
_entity.id
_entity.type
_entity.pdbx_description
1 polymer 'Cytochrome P450 119'
2 non-polymer 4-(4-fluorophenyl)-1H-imidazole
3 non-polymer 'PROTOPORPHYRIN IX CONTAINING FE'
4 water water
#
_entity_poly.entity_id   1
_entity_poly.type   'polypeptide(L)'
_entity_poly.pdbx_seq_one_letter_code
;MYDWFSEMRKKDPVYYDGNIWQVFSYRYTKEVLNNFSKFSSDLTGYHERLEDLRNGKIRFDIPTRYTMLTSDPPLHDELR
SMSADIFSPQKLQTLETFIRETTRSLLDSIDPREDDIVKKLAVPLPIIVISKILGLPIEDKEKFKEWSDLVAFRLGKPGE
IFELGKKYLELIGYVKDHLNSGTEVVSRVVNSNLSDIEKLGYIILLLIAGNETTTNLISNSVIDFTRFNLWQRIREENLY
LKAIEEALRYSPPVMRTVRKTKERVKLGDQTIEEGEYVRVWIASANRDEEVFHDGEKFIPDRNPNPHLSFGSGIHLCLGA
PLARLEARIAIEEFSKRFRHIEILDTEKVPNEVLNGYKRLVVRLKSNE
;
_entity_poly.pdbx_strand_id   A,B
#
# COMPACT_ATOMS: atom_id res chain seq x y z
N MET A 1 -2.77 -9.01 2.56
CA MET A 1 -1.60 -9.62 1.92
C MET A 1 -1.90 -11.04 1.48
N TYR A 2 -1.36 -11.43 0.31
CA TYR A 2 -1.48 -12.81 -0.19
C TYR A 2 -0.83 -13.75 0.80
N ASP A 3 -1.31 -14.98 0.89
CA ASP A 3 -0.74 -15.91 1.85
C ASP A 3 0.60 -16.49 1.35
N TRP A 4 1.68 -15.76 1.60
CA TRP A 4 3.03 -16.17 1.19
C TRP A 4 3.60 -17.29 2.03
N PHE A 5 2.96 -17.57 3.15
CA PHE A 5 3.61 -18.30 4.23
C PHE A 5 3.39 -19.80 4.25
N SER A 6 2.68 -20.33 3.25
CA SER A 6 2.30 -21.73 3.25
C SER A 6 3.48 -22.69 3.50
N GLU A 7 4.53 -22.57 2.69
CA GLU A 7 5.68 -23.45 2.81
C GLU A 7 6.44 -23.22 4.12
N MET A 8 6.68 -21.96 4.46
CA MET A 8 7.27 -21.61 5.76
C MET A 8 6.46 -22.28 6.86
N ARG A 9 5.16 -22.05 6.82
CA ARG A 9 4.24 -22.64 7.78
C ARG A 9 4.42 -24.17 7.85
N LYS A 10 4.70 -24.78 6.70
CA LYS A 10 4.88 -26.23 6.62
C LYS A 10 6.29 -26.70 7.04
N LYS A 11 7.32 -26.07 6.48
CA LYS A 11 8.69 -26.55 6.63
C LYS A 11 9.55 -25.73 7.61
N ASP A 12 9.27 -24.44 7.72
CA ASP A 12 10.00 -23.61 8.69
C ASP A 12 9.10 -22.71 9.53
N PRO A 13 8.20 -23.31 10.32
CA PRO A 13 7.20 -22.54 11.07
C PRO A 13 7.81 -21.67 12.16
N VAL A 14 9.01 -22.02 12.61
CA VAL A 14 9.76 -21.22 13.58
C VAL A 14 11.12 -20.92 12.96
N TYR A 15 11.33 -19.67 12.59
CA TYR A 15 12.45 -19.31 11.73
C TYR A 15 13.25 -18.12 12.26
N TYR A 16 14.57 -18.29 12.36
CA TYR A 16 15.45 -17.18 12.76
C TYR A 16 15.97 -16.49 11.51
N ASP A 17 15.73 -15.19 11.39
CA ASP A 17 16.08 -14.48 10.17
C ASP A 17 17.42 -13.74 10.24
N GLY A 18 18.24 -14.05 11.24
CA GLY A 18 19.52 -13.36 11.41
C GLY A 18 19.43 -12.24 12.45
N ASN A 19 18.21 -11.78 12.70
CA ASN A 19 17.97 -10.70 13.64
C ASN A 19 16.96 -11.12 14.70
N ILE A 20 15.80 -11.60 14.25
CA ILE A 20 14.79 -12.03 15.20
C ILE A 20 14.21 -13.38 14.80
N TRP A 21 13.38 -13.95 15.66
CA TRP A 21 12.64 -15.17 15.33
C TRP A 21 11.26 -14.81 14.79
N GLN A 22 10.83 -15.52 13.74
CA GLN A 22 9.52 -15.33 13.16
C GLN A 22 8.74 -16.64 13.21
N VAL A 23 7.46 -16.56 13.59
CA VAL A 23 6.63 -17.75 13.79
C VAL A 23 5.41 -17.68 12.86
N PHE A 24 5.17 -18.77 12.12
CA PHE A 24 4.19 -18.76 11.04
C PHE A 24 3.01 -19.72 11.20
N SER A 25 3.15 -20.74 12.04
CA SER A 25 2.09 -21.75 12.17
C SER A 25 1.15 -21.41 13.32
N TYR A 26 -0.08 -21.93 13.25
CA TYR A 26 -1.08 -21.65 14.27
C TYR A 26 -0.67 -22.23 15.61
N ARG A 27 -0.17 -23.46 15.62
CA ARG A 27 0.19 -24.11 16.88
C ARG A 27 1.19 -23.30 17.69
N TYR A 28 2.23 -22.82 17.04
CA TYR A 28 3.31 -22.11 17.73
C TYR A 28 2.99 -20.63 17.93
N THR A 29 2.19 -20.05 17.04
CA THR A 29 1.70 -18.68 17.28
C THR A 29 0.84 -18.66 18.54
N LYS A 30 -0.13 -19.56 18.62
CA LYS A 30 -0.99 -19.61 19.80
C LYS A 30 -0.18 -19.94 21.06
N GLU A 31 0.78 -20.85 20.94
CA GLU A 31 1.59 -21.24 22.08
C GLU A 31 2.36 -20.04 22.65
N VAL A 32 2.99 -19.27 21.77
CA VAL A 32 3.71 -18.08 22.21
C VAL A 32 2.77 -17.11 22.91
N LEU A 33 1.64 -16.82 22.28
CA LEU A 33 0.69 -15.84 22.83
C LEU A 33 0.20 -16.22 24.22
N ASN A 34 -0.01 -17.51 24.46
CA ASN A 34 -0.55 -17.92 25.75
C ASN A 34 0.50 -18.07 26.84
N ASN A 35 1.75 -18.28 26.46
CA ASN A 35 2.80 -18.46 27.47
C ASN A 35 3.47 -17.13 27.83
N PHE A 36 2.76 -16.30 28.59
CA PHE A 36 3.27 -14.97 28.88
C PHE A 36 4.50 -15.01 29.79
N SER A 37 4.69 -16.10 30.52
CA SER A 37 5.79 -16.14 31.47
C SER A 37 7.12 -16.37 30.76
N LYS A 38 7.08 -17.02 29.61
CA LYS A 38 8.31 -17.21 28.84
C LYS A 38 8.42 -16.22 27.67
N PHE A 39 7.27 -15.77 27.16
CA PHE A 39 7.26 -14.80 26.06
C PHE A 39 6.62 -13.49 26.53
N SER A 40 7.48 -12.54 26.90
CA SER A 40 7.08 -11.32 27.59
C SER A 40 6.61 -10.23 26.63
N SER A 41 5.67 -9.39 27.11
CA SER A 41 5.24 -8.21 26.36
C SER A 41 5.87 -6.94 26.93
N ASP A 42 6.79 -7.11 27.87
CA ASP A 42 7.48 -5.99 28.50
C ASP A 42 8.53 -5.40 27.56
N LEU A 43 8.08 -4.81 26.46
CA LEU A 43 8.97 -4.39 25.39
C LEU A 43 9.28 -2.89 25.35
N THR A 44 8.67 -2.11 26.23
CA THR A 44 8.78 -0.65 26.12
C THR A 44 9.27 -0.01 27.43
N GLY A 45 9.90 -0.79 28.29
CA GLY A 45 10.53 -0.25 29.48
C GLY A 45 9.62 -0.03 30.68
N TYR A 46 8.38 -0.51 30.60
CA TYR A 46 7.36 -0.21 31.60
C TYR A 46 7.74 -0.78 32.98
N HIS A 47 8.05 -2.08 33.03
CA HIS A 47 8.45 -2.69 34.30
C HIS A 47 9.76 -2.11 34.84
N GLU A 48 10.71 -1.87 33.94
CA GLU A 48 12.00 -1.30 34.30
C GLU A 48 11.86 0.08 34.93
N ARG A 49 10.98 0.89 34.37
CA ARG A 49 10.90 2.29 34.74
C ARG A 49 9.71 2.60 35.66
N LEU A 50 9.05 1.56 36.14
CA LEU A 50 7.84 1.73 36.95
C LEU A 50 8.13 2.55 38.21
N GLU A 51 9.25 2.26 38.86
CA GLU A 51 9.66 3.02 40.05
C GLU A 51 9.83 4.52 39.74
N ASP A 52 10.56 4.83 38.69
CA ASP A 52 10.85 6.22 38.34
C ASP A 52 9.63 6.96 37.77
N LEU A 53 8.62 6.22 37.35
CA LEU A 53 7.37 6.84 36.92
C LEU A 53 6.56 7.26 38.13
N ARG A 54 6.42 6.32 39.06
CA ARG A 54 5.58 6.51 40.23
C ARG A 54 6.20 7.51 41.21
N ASN A 55 7.53 7.54 41.33
CA ASN A 55 8.16 8.47 42.25
C ASN A 55 8.40 9.84 41.63
N GLY A 56 8.03 9.98 40.36
CA GLY A 56 8.07 11.26 39.67
C GLY A 56 9.37 11.60 38.97
N LYS A 57 10.36 10.72 39.03
CA LYS A 57 11.67 11.00 38.43
C LYS A 57 11.55 11.18 36.93
N ILE A 58 10.59 10.50 36.32
CA ILE A 58 10.29 10.66 34.92
C ILE A 58 9.08 11.58 34.77
N ARG A 59 9.28 12.73 34.12
CA ARG A 59 8.19 13.66 33.90
C ARG A 59 7.78 13.71 32.45
N PHE A 60 8.78 13.68 31.56
N PHE A 60 8.78 13.67 31.57
CA PHE A 60 8.53 13.82 30.14
CA PHE A 60 8.60 13.81 30.14
C PHE A 60 8.89 12.54 29.39
C PHE A 60 8.90 12.49 29.43
N ASP A 61 7.86 11.84 28.91
CA ASP A 61 8.02 10.54 28.26
C ASP A 61 6.82 10.23 27.35
N ILE A 62 6.90 9.11 26.64
CA ILE A 62 5.85 8.67 25.72
C ILE A 62 4.77 7.86 26.45
N PRO A 63 3.57 8.42 26.59
CA PRO A 63 2.50 7.75 27.34
C PRO A 63 2.23 6.32 26.85
N THR A 64 2.27 6.08 25.55
CA THR A 64 1.92 4.75 25.03
C THR A 64 3.00 3.70 25.25
N ARG A 65 4.10 4.08 25.91
CA ARG A 65 5.10 3.12 26.36
C ARG A 65 4.63 2.43 27.64
N TYR A 66 3.63 3.01 28.28
CA TYR A 66 3.24 2.56 29.62
C TYR A 66 1.75 2.24 29.68
N THR A 67 1.35 1.23 28.92
CA THR A 67 -0.02 0.75 28.98
C THR A 67 -0.02 -0.74 29.24
N MET A 68 -1.18 -1.29 29.55
CA MET A 68 -1.33 -2.72 29.81
C MET A 68 -0.81 -3.57 28.65
N LEU A 69 -0.82 -3.02 27.44
CA LEU A 69 -0.49 -3.79 26.24
C LEU A 69 0.97 -4.25 26.29
N THR A 70 1.85 -3.44 26.87
CA THR A 70 3.25 -3.83 26.95
C THR A 70 3.66 -4.00 28.41
N SER A 71 2.86 -4.80 29.11
CA SER A 71 3.14 -5.18 30.49
C SER A 71 2.84 -6.65 30.68
N ASP A 72 3.47 -7.25 31.69
CA ASP A 72 3.23 -8.63 32.12
C ASP A 72 2.54 -8.64 33.49
N PRO A 73 1.90 -9.77 33.87
CA PRO A 73 1.40 -9.86 35.24
C PRO A 73 2.52 -9.78 36.26
N PRO A 74 2.24 -9.30 37.48
CA PRO A 74 0.92 -8.85 37.97
C PRO A 74 0.50 -7.48 37.42
N LEU A 75 1.45 -6.63 37.04
CA LEU A 75 1.14 -5.28 36.55
C LEU A 75 0.03 -5.29 35.50
N HIS A 76 0.16 -6.14 34.49
CA HIS A 76 -0.85 -6.24 33.44
C HIS A 76 -2.25 -6.43 34.00
N ASP A 77 -2.36 -7.36 34.94
CA ASP A 77 -3.63 -7.75 35.50
C ASP A 77 -4.22 -6.65 36.37
N GLU A 78 -3.37 -5.97 37.13
CA GLU A 78 -3.80 -4.84 37.94
C GLU A 78 -4.42 -3.76 37.04
N LEU A 79 -3.75 -3.47 35.93
CA LEU A 79 -4.22 -2.42 35.02
C LEU A 79 -5.49 -2.83 34.31
N ARG A 80 -5.48 -4.01 33.70
CA ARG A 80 -6.65 -4.41 32.92
C ARG A 80 -7.89 -4.56 33.80
N SER A 81 -7.72 -5.00 35.05
CA SER A 81 -8.84 -5.14 35.98
C SER A 81 -9.68 -3.88 36.05
N MET A 82 -9.02 -2.74 35.93
CA MET A 82 -9.68 -1.43 36.08
C MET A 82 -10.68 -1.13 34.96
N SER A 83 -10.51 -1.74 33.79
CA SER A 83 -11.43 -1.47 32.69
C SER A 83 -12.06 -2.74 32.12
N ALA A 84 -12.02 -3.83 32.87
CA ALA A 84 -12.46 -5.12 32.34
C ALA A 84 -13.94 -5.10 31.96
N ASP A 85 -14.74 -4.23 32.58
CA ASP A 85 -16.19 -4.21 32.36
C ASP A 85 -16.65 -3.15 31.36
N ILE A 86 -15.70 -2.54 30.66
CA ILE A 86 -15.99 -1.33 29.88
C ILE A 86 -16.89 -1.62 28.69
N PHE A 87 -16.77 -2.82 28.11
CA PHE A 87 -17.60 -3.18 26.97
C PHE A 87 -18.47 -4.39 27.31
N SER A 88 -19.07 -4.39 28.51
CA SER A 88 -19.91 -5.49 28.96
C SER A 88 -21.14 -5.68 28.06
N PRO A 89 -21.68 -6.91 28.01
CA PRO A 89 -22.81 -7.19 27.13
C PRO A 89 -23.98 -6.23 27.36
N GLN A 90 -24.26 -5.93 28.62
CA GLN A 90 -25.32 -4.99 28.95
C GLN A 90 -25.04 -3.59 28.40
N LYS A 91 -23.80 -3.13 28.55
CA LYS A 91 -23.43 -1.81 28.04
C LYS A 91 -23.55 -1.75 26.52
N LEU A 92 -23.12 -2.80 25.85
CA LEU A 92 -23.13 -2.82 24.38
C LEU A 92 -24.54 -2.97 23.85
N GLN A 93 -25.38 -3.69 24.58
CA GLN A 93 -26.76 -3.89 24.13
C GLN A 93 -27.49 -2.55 24.07
N THR A 94 -27.33 -1.71 25.08
CA THR A 94 -28.00 -0.41 25.08
C THR A 94 -27.39 0.51 24.01
N LEU A 95 -26.11 0.29 23.71
CA LEU A 95 -25.38 1.13 22.77
C LEU A 95 -25.70 0.83 21.32
N GLU A 96 -26.29 -0.34 21.07
CA GLU A 96 -26.58 -0.79 19.71
C GLU A 96 -27.35 0.24 18.89
N THR A 97 -28.33 0.90 19.52
CA THR A 97 -29.15 1.88 18.82
C THR A 97 -28.33 3.09 18.36
N PHE A 98 -27.43 3.55 19.22
CA PHE A 98 -26.55 4.67 18.90
C PHE A 98 -25.58 4.31 17.78
N ILE A 99 -25.06 3.09 17.82
CA ILE A 99 -24.12 2.65 16.77
C ILE A 99 -24.82 2.52 15.42
N ARG A 100 -26.01 1.93 15.43
CA ARG A 100 -26.80 1.82 14.20
C ARG A 100 -27.17 3.20 13.64
N GLU A 101 -27.60 4.10 14.51
CA GLU A 101 -27.95 5.44 14.09
C GLU A 101 -26.75 6.21 13.54
N THR A 102 -25.62 6.11 14.24
CA THR A 102 -24.40 6.76 13.75
C THR A 102 -24.05 6.24 12.37
N THR A 103 -24.11 4.92 12.20
CA THR A 103 -23.83 4.28 10.92
C THR A 103 -24.72 4.86 9.82
N ARG A 104 -26.03 4.87 10.08
CA ARG A 104 -26.99 5.38 9.12
C ARG A 104 -26.74 6.85 8.79
N SER A 105 -26.39 7.64 9.79
CA SER A 105 -26.11 9.06 9.58
C SER A 105 -24.87 9.24 8.69
N LEU A 106 -23.90 8.34 8.85
CA LEU A 106 -22.73 8.36 7.99
C LEU A 106 -23.10 7.97 6.56
N LEU A 107 -23.96 6.97 6.41
CA LEU A 107 -24.37 6.53 5.06
C LEU A 107 -25.12 7.65 4.33
N ASP A 108 -25.85 8.48 5.08
CA ASP A 108 -26.57 9.65 4.56
C ASP A 108 -25.69 10.62 3.75
N SER A 109 -24.40 10.66 4.03
CA SER A 109 -23.50 11.59 3.34
C SER A 109 -22.76 10.96 2.14
N ILE A 110 -23.03 9.71 1.83
CA ILE A 110 -22.33 9.02 0.75
C ILE A 110 -22.88 9.41 -0.62
N ASP A 111 -21.97 9.70 -1.55
CA ASP A 111 -22.36 9.97 -2.93
C ASP A 111 -22.27 8.66 -3.72
N PRO A 112 -23.44 8.10 -4.11
CA PRO A 112 -23.51 6.80 -4.77
C PRO A 112 -22.76 6.75 -6.10
N ARG A 113 -22.64 7.88 -6.79
CA ARG A 113 -21.95 7.90 -8.09
C ARG A 113 -20.48 7.53 -7.93
N GLU A 114 -19.89 8.03 -6.86
CA GLU A 114 -18.50 7.75 -6.50
C GLU A 114 -18.21 8.29 -5.12
N ASP A 115 -17.74 7.44 -4.21
CA ASP A 115 -17.31 7.95 -2.90
C ASP A 115 -16.33 6.99 -2.22
N ASP A 116 -15.60 7.54 -1.27
CA ASP A 116 -14.59 6.80 -0.54
C ASP A 116 -15.18 6.29 0.76
N ILE A 117 -15.35 4.97 0.83
CA ILE A 117 -15.98 4.32 1.97
C ILE A 117 -15.10 4.44 3.21
N VAL A 118 -13.79 4.53 3.01
CA VAL A 118 -12.90 4.73 4.17
C VAL A 118 -13.19 6.08 4.78
N LYS A 119 -13.24 7.11 3.96
CA LYS A 119 -13.44 8.46 4.45
C LYS A 119 -14.83 8.63 5.06
N LYS A 120 -15.85 8.06 4.42
CA LYS A 120 -17.24 8.36 4.78
C LYS A 120 -17.76 7.46 5.90
N LEU A 121 -17.30 6.20 5.96
CA LEU A 121 -17.85 5.26 6.93
C LEU A 121 -16.83 4.62 7.87
N ALA A 122 -15.80 4.00 7.30
CA ALA A 122 -14.88 3.21 8.13
C ALA A 122 -14.08 4.04 9.13
N VAL A 123 -13.61 5.23 8.74
CA VAL A 123 -12.87 6.07 9.69
C VAL A 123 -13.76 6.73 10.78
N PRO A 124 -14.87 7.40 10.39
CA PRO A 124 -15.63 8.08 11.44
C PRO A 124 -16.33 7.20 12.47
N LEU A 125 -16.79 6.02 12.07
CA LEU A 125 -17.68 5.25 12.96
C LEU A 125 -17.01 4.89 14.32
N PRO A 126 -15.81 4.27 14.30
CA PRO A 126 -15.22 3.90 15.59
C PRO A 126 -14.94 5.12 16.46
N ILE A 127 -14.57 6.21 15.82
CA ILE A 127 -14.20 7.42 16.53
C ILE A 127 -15.42 8.02 17.23
N ILE A 128 -16.53 8.05 16.53
CA ILE A 128 -17.75 8.58 17.13
C ILE A 128 -18.23 7.70 18.28
N VAL A 129 -18.18 6.39 18.09
CA VAL A 129 -18.68 5.48 19.12
C VAL A 129 -17.82 5.52 20.38
N ILE A 130 -16.49 5.50 20.24
CA ILE A 130 -15.64 5.45 21.44
C ILE A 130 -15.71 6.78 22.18
N SER A 131 -15.94 7.88 21.47
CA SER A 131 -16.11 9.18 22.12
C SER A 131 -17.33 9.17 23.04
N LYS A 132 -18.42 8.62 22.51
CA LYS A 132 -19.65 8.45 23.27
C LYS A 132 -19.46 7.57 24.52
N ILE A 133 -18.78 6.44 24.34
CA ILE A 133 -18.56 5.51 25.46
C ILE A 133 -17.73 6.15 26.57
N LEU A 134 -16.66 6.84 26.20
CA LEU A 134 -15.77 7.43 27.19
C LEU A 134 -16.21 8.83 27.67
N GLY A 135 -17.17 9.43 26.99
CA GLY A 135 -17.63 10.76 27.35
C GLY A 135 -16.57 11.82 27.06
N LEU A 136 -15.70 11.53 26.09
CA LEU A 136 -14.69 12.49 25.70
C LEU A 136 -15.07 13.03 24.33
N PRO A 137 -15.27 14.36 24.23
CA PRO A 137 -15.88 14.93 23.03
C PRO A 137 -14.94 15.05 21.81
N ILE A 138 -15.52 14.88 20.63
CA ILE A 138 -14.81 15.10 19.38
C ILE A 138 -14.94 16.57 18.99
N GLU A 139 -13.91 17.37 19.21
CA GLU A 139 -13.98 18.78 18.87
C GLU A 139 -13.57 18.95 17.42
N ASP A 140 -12.37 18.48 17.12
CA ASP A 140 -11.81 18.53 15.79
C ASP A 140 -11.69 17.14 15.22
N LYS A 141 -12.64 16.77 14.36
CA LYS A 141 -12.69 15.44 13.73
C LYS A 141 -11.39 15.09 13.01
N GLU A 142 -10.75 16.11 12.44
CA GLU A 142 -9.50 15.95 11.72
C GLU A 142 -8.39 15.46 12.62
N LYS A 143 -8.23 16.15 13.75
CA LYS A 143 -7.18 15.82 14.71
C LYS A 143 -7.37 14.40 15.27
N PHE A 144 -8.62 14.00 15.50
CA PHE A 144 -8.88 12.66 16.02
C PHE A 144 -8.41 11.57 15.05
N LYS A 145 -8.63 11.79 13.75
CA LYS A 145 -8.14 10.83 12.77
C LYS A 145 -6.61 10.81 12.73
N GLU A 146 -5.99 12.00 12.82
CA GLU A 146 -4.54 12.08 12.85
C GLU A 146 -3.95 11.37 14.08
N TRP A 147 -4.60 11.54 15.23
CA TRP A 147 -4.17 10.88 16.45
C TRP A 147 -4.30 9.37 16.34
N SER A 148 -5.42 8.93 15.79
CA SER A 148 -5.68 7.50 15.59
C SER A 148 -4.59 6.84 14.73
N ASP A 149 -4.14 7.52 13.68
CA ASP A 149 -3.12 6.96 12.80
C ASP A 149 -1.76 6.92 13.50
N LEU A 150 -1.40 8.05 14.10
CA LEU A 150 -0.16 8.22 14.82
C LEU A 150 0.05 7.19 15.92
N VAL A 151 -0.97 7.02 16.75
CA VAL A 151 -0.92 6.07 17.87
C VAL A 151 -0.79 4.62 17.36
N ALA A 152 -1.59 4.28 16.35
CA ALA A 152 -1.53 2.94 15.76
C ALA A 152 -0.15 2.65 15.16
N PHE A 153 0.41 3.65 14.47
CA PHE A 153 1.75 3.51 13.90
C PHE A 153 2.77 3.24 15.00
N ARG A 154 2.65 3.98 16.10
CA ARG A 154 3.59 3.85 17.23
C ARG A 154 3.48 2.50 17.94
N LEU A 155 2.26 2.06 18.18
CA LEU A 155 2.04 0.77 18.83
C LEU A 155 2.63 -0.37 17.98
N GLY A 156 2.79 -0.10 16.69
CA GLY A 156 3.31 -1.09 15.75
C GLY A 156 4.82 -1.20 15.76
N LYS A 157 5.47 -0.32 16.53
CA LYS A 157 6.93 -0.28 16.62
C LYS A 157 7.40 -0.18 18.06
N PRO A 158 7.07 -1.17 18.89
CA PRO A 158 7.40 -1.11 20.31
C PRO A 158 8.91 -1.07 20.53
N GLY A 159 9.36 -0.31 21.52
CA GLY A 159 10.78 -0.25 21.81
C GLY A 159 11.56 0.66 20.87
N GLU A 160 10.95 1.03 19.74
CA GLU A 160 11.60 1.96 18.85
C GLU A 160 11.39 3.38 19.34
N ILE A 161 12.43 4.20 19.19
CA ILE A 161 12.54 5.50 19.82
C ILE A 161 11.99 6.62 18.94
N PHE A 162 10.93 7.28 19.41
CA PHE A 162 10.35 8.41 18.69
C PHE A 162 10.04 9.56 19.64
N GLU A 163 10.72 10.69 19.47
CA GLU A 163 10.41 11.91 20.22
C GLU A 163 8.95 12.31 20.00
N LEU A 164 8.32 12.89 21.00
CA LEU A 164 6.95 13.37 20.84
C LEU A 164 6.90 14.48 19.80
N GLY A 165 6.05 14.33 18.80
CA GLY A 165 5.89 15.37 17.80
C GLY A 165 4.77 16.32 18.15
N LYS A 166 4.54 17.28 17.27
CA LYS A 166 3.50 18.29 17.43
C LYS A 166 2.11 17.67 17.64
N LYS A 167 1.78 16.67 16.82
CA LYS A 167 0.46 16.05 16.88
C LYS A 167 0.26 15.23 18.16
N TYR A 168 1.28 14.50 18.59
CA TYR A 168 1.12 13.67 19.79
C TYR A 168 1.01 14.64 20.98
N LEU A 169 1.80 15.72 20.97
CA LEU A 169 1.70 16.73 22.02
C LEU A 169 0.30 17.34 22.11
N GLU A 170 -0.37 17.53 20.97
CA GLU A 170 -1.74 18.06 20.98
C GLU A 170 -2.73 17.04 21.55
N LEU A 171 -2.54 15.77 21.18
CA LEU A 171 -3.34 14.69 21.77
C LEU A 171 -3.22 14.68 23.31
N ILE A 172 -2.00 14.75 23.82
CA ILE A 172 -1.77 14.77 25.27
C ILE A 172 -2.49 15.95 25.94
N GLY A 173 -2.38 17.11 25.33
CA GLY A 173 -3.03 18.32 25.82
C GLY A 173 -4.54 18.17 25.85
N TYR A 174 -5.09 17.57 24.80
CA TYR A 174 -6.52 17.27 24.75
C TYR A 174 -6.93 16.40 25.93
N VAL A 175 -6.18 15.32 26.16
CA VAL A 175 -6.55 14.39 27.23
C VAL A 175 -6.46 15.07 28.59
N LYS A 176 -5.34 15.77 28.84
CA LYS A 176 -5.20 16.60 30.04
C LYS A 176 -6.41 17.51 30.21
N ASP A 177 -6.79 18.21 29.15
CA ASP A 177 -7.89 19.17 29.19
C ASP A 177 -9.24 18.54 29.49
N HIS A 178 -9.47 17.31 29.06
CA HIS A 178 -10.83 16.77 29.12
C HIS A 178 -11.05 15.63 30.10
N LEU A 179 -10.13 15.44 31.04
CA LEU A 179 -10.22 14.34 31.99
C LEU A 179 -11.59 14.23 32.64
N ASN A 180 -12.09 15.34 33.17
CA ASN A 180 -13.26 15.29 34.04
C ASN A 180 -14.60 15.23 33.33
N SER A 181 -14.60 15.26 32.01
CA SER A 181 -15.84 15.05 31.27
C SER A 181 -16.09 13.56 31.05
N GLY A 182 -15.10 12.73 31.42
CA GLY A 182 -15.16 11.32 31.10
C GLY A 182 -16.19 10.52 31.87
N THR A 183 -16.54 9.36 31.32
CA THR A 183 -17.46 8.46 32.00
C THR A 183 -16.70 7.65 33.06
N GLU A 184 -17.37 6.63 33.59
CA GLU A 184 -16.88 5.91 34.76
C GLU A 184 -15.44 5.40 34.66
N VAL A 185 -15.07 4.73 33.58
CA VAL A 185 -13.73 4.15 33.50
C VAL A 185 -12.65 5.23 33.43
N VAL A 186 -12.94 6.35 32.78
CA VAL A 186 -12.01 7.49 32.81
C VAL A 186 -11.82 7.99 34.24
N SER A 187 -12.91 8.08 34.98
CA SER A 187 -12.83 8.48 36.39
C SER A 187 -11.98 7.53 37.22
N ARG A 188 -12.18 6.23 37.03
CA ARG A 188 -11.36 5.23 37.71
C ARG A 188 -9.88 5.49 37.47
N VAL A 189 -9.54 5.82 36.23
CA VAL A 189 -8.14 6.06 35.87
C VAL A 189 -7.63 7.33 36.53
N VAL A 190 -8.43 8.39 36.51
CA VAL A 190 -8.01 9.66 37.11
C VAL A 190 -7.90 9.57 38.65
N ASN A 191 -8.77 8.76 39.27
CA ASN A 191 -8.77 8.61 40.72
C ASN A 191 -7.80 7.57 41.26
N SER A 192 -7.09 6.87 40.37
CA SER A 192 -6.31 5.67 40.71
C SER A 192 -5.00 5.90 41.45
N ASN A 193 -4.48 7.12 41.37
CA ASN A 193 -3.12 7.46 41.82
C ASN A 193 -2.03 6.69 41.05
N LEU A 194 -2.32 6.31 39.81
CA LEU A 194 -1.27 5.92 38.88
C LEU A 194 -0.50 7.18 38.58
N SER A 195 0.71 7.05 38.04
CA SER A 195 1.46 8.23 37.64
C SER A 195 0.70 8.96 36.53
N ASP A 196 1.00 10.25 36.37
CA ASP A 196 0.40 11.05 35.31
C ASP A 196 0.63 10.43 33.95
N ILE A 197 1.87 10.00 33.70
CA ILE A 197 2.21 9.40 32.40
C ILE A 197 1.35 8.15 32.16
N GLU A 198 1.23 7.30 33.17
CA GLU A 198 0.41 6.09 33.05
C GLU A 198 -1.06 6.41 32.75
N LYS A 199 -1.61 7.39 33.45
CA LYS A 199 -2.99 7.81 33.23
C LYS A 199 -3.21 8.24 31.79
N LEU A 200 -2.28 9.05 31.26
CA LEU A 200 -2.33 9.47 29.87
C LEU A 200 -2.28 8.26 28.97
N GLY A 201 -1.33 7.37 29.22
CA GLY A 201 -1.15 6.17 28.42
C GLY A 201 -2.43 5.35 28.37
N TYR A 202 -3.02 5.16 29.54
CA TYR A 202 -4.19 4.30 29.70
C TYR A 202 -5.38 4.87 28.92
N ILE A 203 -5.63 6.16 29.12
CA ILE A 203 -6.73 6.84 28.46
CA ILE A 203 -6.74 6.82 28.46
C ILE A 203 -6.53 6.84 26.95
N ILE A 204 -5.32 7.14 26.51
CA ILE A 204 -5.03 7.15 25.07
C ILE A 204 -5.21 5.75 24.46
N LEU A 205 -4.80 4.71 25.17
CA LEU A 205 -5.04 3.34 24.71
C LEU A 205 -6.54 3.09 24.46
N LEU A 206 -7.39 3.49 25.39
CA LEU A 206 -8.84 3.24 25.27
C LEU A 206 -9.50 4.12 24.21
N LEU A 207 -9.17 5.41 24.22
CA LEU A 207 -9.82 6.39 23.36
C LEU A 207 -9.37 6.31 21.91
N ILE A 208 -8.09 6.03 21.71
CA ILE A 208 -7.49 6.19 20.40
C ILE A 208 -7.03 4.87 19.75
N ALA A 209 -6.49 3.94 20.54
CA ALA A 209 -5.77 2.81 19.94
C ALA A 209 -6.64 1.84 19.16
N GLY A 210 -7.94 1.84 19.41
CA GLY A 210 -8.81 0.89 18.75
C GLY A 210 -9.41 1.40 17.46
N ASN A 211 -9.21 2.68 17.15
CA ASN A 211 -9.88 3.28 15.99
C ASN A 211 -9.39 2.75 14.64
N GLU A 212 -8.08 2.78 14.42
CA GLU A 212 -7.49 2.41 13.13
C GLU A 212 -7.74 0.93 12.80
N THR A 213 -7.60 0.07 13.80
CA THR A 213 -7.85 -1.35 13.59
C THR A 213 -9.32 -1.64 13.24
N THR A 214 -10.25 -1.01 13.97
CA THR A 214 -11.68 -1.24 13.70
C THR A 214 -12.02 -0.67 12.33
N THR A 215 -11.48 0.50 12.02
CA THR A 215 -11.64 1.08 10.70
C THR A 215 -11.23 0.06 9.63
N ASN A 216 -10.07 -0.55 9.81
CA ASN A 216 -9.58 -1.52 8.83
C ASN A 216 -10.43 -2.80 8.74
N LEU A 217 -10.95 -3.26 9.88
CA LEU A 217 -11.90 -4.38 9.86
C LEU A 217 -13.09 -4.08 8.96
N ILE A 218 -13.63 -2.88 9.09
CA ILE A 218 -14.77 -2.47 8.28
C ILE A 218 -14.42 -2.45 6.78
N SER A 219 -13.33 -1.76 6.43
CA SER A 219 -12.89 -1.70 5.03
C SER A 219 -12.58 -3.08 4.46
N ASN A 220 -11.87 -3.89 5.24
CA ASN A 220 -11.47 -5.23 4.80
C ASN A 220 -12.69 -6.07 4.52
N SER A 221 -13.70 -5.93 5.37
CA SER A 221 -14.96 -6.64 5.19
C SER A 221 -15.65 -6.24 3.89
N VAL A 222 -15.82 -4.94 3.65
CA VAL A 222 -16.42 -4.46 2.40
C VAL A 222 -15.67 -5.01 1.19
N ILE A 223 -14.35 -4.96 1.24
CA ILE A 223 -13.47 -5.50 0.20
C ILE A 223 -13.73 -7.01 -0.04
N ASP A 224 -13.67 -7.78 1.04
CA ASP A 224 -13.80 -9.23 0.96
C ASP A 224 -15.17 -9.64 0.46
N PHE A 225 -16.23 -9.02 0.99
CA PHE A 225 -17.56 -9.44 0.57
C PHE A 225 -17.79 -9.08 -0.89
N THR A 226 -17.17 -8.00 -1.35
CA THR A 226 -17.31 -7.60 -2.74
C THR A 226 -16.51 -8.51 -3.66
N ARG A 227 -15.24 -8.72 -3.31
CA ARG A 227 -14.36 -9.60 -4.06
C ARG A 227 -15.00 -10.97 -4.29
N PHE A 228 -15.55 -11.55 -3.23
CA PHE A 228 -16.08 -12.91 -3.34
C PHE A 228 -17.58 -12.95 -3.64
N ASN A 229 -18.14 -11.77 -3.95
CA ASN A 229 -19.53 -11.65 -4.38
C ASN A 229 -20.49 -12.28 -3.36
N LEU A 230 -20.39 -11.86 -2.10
CA LEU A 230 -21.12 -12.53 -1.03
C LEU A 230 -22.26 -11.72 -0.42
N TRP A 231 -22.44 -10.47 -0.87
CA TRP A 231 -23.43 -9.59 -0.25
C TRP A 231 -24.86 -10.19 -0.22
N GLN A 232 -25.32 -10.74 -1.34
CA GLN A 232 -26.69 -11.23 -1.39
C GLN A 232 -26.88 -12.42 -0.46
N ARG A 233 -25.90 -13.31 -0.45
CA ARG A 233 -25.96 -14.48 0.40
C ARG A 233 -25.88 -14.09 1.88
N ILE A 234 -25.09 -13.07 2.19
CA ILE A 234 -24.98 -12.60 3.57
C ILE A 234 -26.33 -12.03 4.05
N ARG A 235 -26.99 -11.26 3.19
CA ARG A 235 -28.31 -10.70 3.48
C ARG A 235 -29.36 -11.79 3.64
N GLU A 236 -29.41 -12.67 2.65
CA GLU A 236 -30.44 -13.72 2.59
C GLU A 236 -30.32 -14.78 3.66
N GLU A 237 -29.10 -15.19 3.98
CA GLU A 237 -28.90 -16.23 4.97
C GLU A 237 -28.51 -15.68 6.33
N ASN A 238 -28.57 -14.35 6.47
CA ASN A 238 -28.24 -13.68 7.73
C ASN A 238 -26.85 -14.07 8.26
N LEU A 239 -25.82 -13.93 7.44
CA LEU A 239 -24.50 -14.44 7.84
C LEU A 239 -23.59 -13.40 8.46
N TYR A 240 -24.15 -12.24 8.81
CA TYR A 240 -23.34 -11.11 9.28
C TYR A 240 -22.33 -11.46 10.36
N LEU A 241 -22.80 -12.16 11.39
CA LEU A 241 -21.93 -12.55 12.51
C LEU A 241 -20.75 -13.39 12.04
N LYS A 242 -21.05 -14.48 11.33
CA LYS A 242 -19.99 -15.39 10.88
C LYS A 242 -19.14 -14.77 9.78
N ALA A 243 -19.75 -13.92 8.96
CA ALA A 243 -19.02 -13.27 7.87
C ALA A 243 -17.95 -12.28 8.39
N ILE A 244 -18.25 -11.58 9.47
CA ILE A 244 -17.29 -10.68 10.12
C ILE A 244 -16.12 -11.48 10.69
N GLU A 245 -16.44 -12.66 11.23
CA GLU A 245 -15.40 -13.53 11.75
C GLU A 245 -14.49 -14.04 10.64
N GLU A 246 -15.04 -14.34 9.47
CA GLU A 246 -14.23 -14.78 8.33
C GLU A 246 -13.38 -13.64 7.77
N ALA A 247 -13.93 -12.44 7.76
CA ALA A 247 -13.15 -11.25 7.41
C ALA A 247 -11.96 -11.06 8.38
N LEU A 248 -12.24 -11.22 9.68
CA LEU A 248 -11.19 -11.20 10.69
C LEU A 248 -10.13 -12.27 10.44
N ARG A 249 -10.54 -13.49 10.11
CA ARG A 249 -9.56 -14.55 9.88
C ARG A 249 -8.71 -14.27 8.64
N TYR A 250 -9.39 -13.92 7.56
CA TYR A 250 -8.81 -13.83 6.22
C TYR A 250 -8.05 -12.51 6.00
N SER A 251 -8.53 -11.45 6.64
CA SER A 251 -7.93 -10.12 6.48
C SER A 251 -7.72 -9.43 7.83
N PRO A 252 -6.83 -9.98 8.67
CA PRO A 252 -6.69 -9.44 10.03
C PRO A 252 -6.12 -8.01 10.04
N PRO A 253 -6.81 -7.09 10.73
CA PRO A 253 -6.29 -5.71 10.83
C PRO A 253 -4.91 -5.66 11.46
N VAL A 254 -4.63 -6.58 12.37
CA VAL A 254 -3.29 -6.69 12.97
C VAL A 254 -2.64 -7.98 12.51
N MET A 255 -1.60 -7.86 11.69
CA MET A 255 -0.97 -8.97 10.99
C MET A 255 -0.12 -9.82 11.90
N ARG A 256 0.41 -9.20 12.94
CA ARG A 256 1.44 -9.84 13.72
C ARG A 256 1.61 -9.13 15.04
N THR A 257 2.23 -9.80 16.01
CA THR A 257 2.65 -9.09 17.19
C THR A 257 3.99 -9.67 17.63
N VAL A 258 4.58 -9.11 18.68
CA VAL A 258 5.94 -9.51 19.02
C VAL A 258 6.08 -9.71 20.53
N ARG A 259 6.97 -10.62 20.91
CA ARG A 259 7.28 -10.91 22.31
C ARG A 259 8.80 -10.93 22.47
N LYS A 260 9.26 -10.94 23.72
CA LYS A 260 10.67 -11.08 24.02
C LYS A 260 10.82 -12.19 25.04
N THR A 261 11.74 -13.11 24.79
CA THR A 261 11.88 -14.26 25.67
C THR A 261 12.53 -13.83 26.99
N LYS A 262 12.01 -14.38 28.09
CA LYS A 262 12.49 -14.07 29.43
C LYS A 262 13.58 -15.04 29.86
N GLU A 263 13.64 -16.18 29.19
CA GLU A 263 14.60 -17.23 29.46
C GLU A 263 14.82 -18.03 28.19
N ARG A 264 15.80 -18.92 28.20
CA ARG A 264 15.98 -19.81 27.05
C ARG A 264 14.78 -20.73 27.00
N VAL A 265 14.17 -20.86 25.83
CA VAL A 265 12.95 -21.67 25.75
C VAL A 265 12.91 -22.41 24.42
N LYS A 266 12.29 -23.58 24.42
CA LYS A 266 12.14 -24.39 23.23
C LYS A 266 10.78 -24.10 22.58
N LEU A 267 10.80 -23.79 21.29
CA LEU A 267 9.57 -23.57 20.53
C LEU A 267 9.65 -24.45 19.31
N GLY A 268 8.73 -25.40 19.19
CA GLY A 268 8.84 -26.40 18.12
C GLY A 268 10.15 -27.14 18.28
N ASP A 269 10.92 -27.22 17.20
CA ASP A 269 12.21 -27.91 17.25
C ASP A 269 13.35 -26.92 17.48
N GLN A 270 13.02 -25.67 17.75
CA GLN A 270 14.03 -24.62 17.83
C GLN A 270 14.29 -24.21 19.28
N THR A 271 15.52 -23.81 19.56
CA THR A 271 15.86 -23.29 20.87
C THR A 271 16.12 -21.80 20.74
N ILE A 272 15.38 -21.01 21.51
CA ILE A 272 15.48 -19.55 21.41
C ILE A 272 16.14 -19.00 22.67
N GLU A 273 17.22 -18.24 22.49
CA GLU A 273 17.96 -17.70 23.63
C GLU A 273 17.15 -16.67 24.40
N GLU A 274 17.51 -16.49 25.66
CA GLU A 274 16.91 -15.46 26.50
C GLU A 274 17.14 -14.10 25.88
N GLY A 275 16.13 -13.21 25.97
CA GLY A 275 16.26 -11.85 25.48
C GLY A 275 16.02 -11.66 23.99
N GLU A 276 15.64 -12.72 23.28
CA GLU A 276 15.40 -12.63 21.84
C GLU A 276 13.96 -12.20 21.53
N TYR A 277 13.80 -11.48 20.42
CA TYR A 277 12.47 -11.06 19.97
C TYR A 277 11.85 -12.17 19.15
N VAL A 278 10.56 -12.38 19.38
CA VAL A 278 9.81 -13.40 18.68
C VAL A 278 8.60 -12.74 18.02
N ARG A 279 8.64 -12.63 16.70
CA ARG A 279 7.54 -12.06 15.93
C ARG A 279 6.58 -13.16 15.51
N VAL A 280 5.30 -12.97 15.83
CA VAL A 280 4.31 -14.00 15.67
C VAL A 280 3.27 -13.56 14.62
N TRP A 281 3.13 -14.33 13.55
CA TRP A 281 2.30 -13.89 12.41
C TRP A 281 0.87 -14.40 12.50
N ILE A 282 0.02 -13.61 13.11
CA ILE A 282 -1.41 -13.87 13.13
C ILE A 282 -1.96 -14.13 11.72
N ALA A 283 -1.54 -13.33 10.74
CA ALA A 283 -2.02 -13.49 9.37
C ALA A 283 -1.76 -14.89 8.79
N SER A 284 -0.60 -15.45 9.09
CA SER A 284 -0.24 -16.78 8.60
C SER A 284 -0.92 -17.88 9.40
N ALA A 285 -0.92 -17.71 10.73
CA ALA A 285 -1.61 -18.64 11.63
C ALA A 285 -3.06 -18.85 11.22
N ASN A 286 -3.70 -17.77 10.78
CA ASN A 286 -5.10 -17.78 10.37
C ASN A 286 -5.40 -18.58 9.09
N ARG A 287 -4.36 -18.94 8.34
CA ARG A 287 -4.52 -19.74 7.13
C ARG A 287 -4.03 -21.16 7.32
N ASP A 288 -3.63 -21.49 8.54
CA ASP A 288 -3.02 -22.78 8.81
C ASP A 288 -4.01 -23.90 8.50
N GLU A 289 -3.67 -24.73 7.51
CA GLU A 289 -4.58 -25.77 7.01
C GLU A 289 -4.87 -26.86 8.06
N GLU A 290 -4.00 -27.00 9.06
CA GLU A 290 -4.25 -28.00 10.08
C GLU A 290 -5.32 -27.56 11.06
N VAL A 291 -5.70 -26.29 10.99
CA VAL A 291 -6.74 -25.75 11.87
C VAL A 291 -7.97 -25.33 11.09
N PHE A 292 -7.73 -24.68 9.95
CA PHE A 292 -8.79 -24.17 9.10
C PHE A 292 -8.81 -24.94 7.80
N HIS A 293 -9.69 -25.93 7.70
CA HIS A 293 -9.81 -26.70 6.47
C HIS A 293 -10.18 -25.81 5.29
N ASP A 294 -9.54 -26.05 4.14
CA ASP A 294 -9.65 -25.16 2.99
C ASP A 294 -9.39 -23.72 3.40
N GLY A 295 -8.31 -23.53 4.15
CA GLY A 295 -8.01 -22.26 4.76
C GLY A 295 -7.76 -21.09 3.82
N GLU A 296 -7.51 -21.38 2.53
CA GLU A 296 -7.35 -20.28 1.56
C GLU A 296 -8.66 -19.86 0.94
N LYS A 297 -9.75 -20.54 1.30
CA LYS A 297 -11.07 -20.16 0.80
C LYS A 297 -11.77 -19.23 1.77
N PHE A 298 -12.42 -18.20 1.24
CA PHE A 298 -13.24 -17.32 2.06
C PHE A 298 -14.62 -17.94 2.18
N ILE A 299 -14.95 -18.39 3.38
CA ILE A 299 -16.20 -19.08 3.63
C ILE A 299 -16.97 -18.28 4.67
N PRO A 300 -18.00 -17.55 4.23
CA PRO A 300 -18.66 -16.56 5.07
C PRO A 300 -19.42 -17.18 6.26
N ASP A 301 -19.71 -18.48 6.21
CA ASP A 301 -20.35 -19.14 7.36
C ASP A 301 -19.42 -20.18 7.97
N ARG A 302 -18.11 -19.93 7.85
CA ARG A 302 -17.13 -20.84 8.44
C ARG A 302 -17.39 -21.02 9.93
N ASN A 303 -17.36 -22.27 10.37
CA ASN A 303 -17.51 -22.59 11.79
C ASN A 303 -17.08 -24.03 12.04
N PRO A 304 -16.20 -24.24 13.03
CA PRO A 304 -15.59 -23.27 13.96
C PRO A 304 -14.67 -22.29 13.25
N ASN A 305 -14.35 -21.17 13.91
CA ASN A 305 -13.43 -20.19 13.33
C ASN A 305 -12.56 -19.56 14.42
N PRO A 306 -11.60 -20.34 14.94
CA PRO A 306 -10.81 -19.91 16.11
C PRO A 306 -9.62 -19.05 15.68
N HIS A 307 -9.88 -18.03 14.89
CA HIS A 307 -8.79 -17.17 14.40
C HIS A 307 -8.12 -16.43 15.56
N LEU A 308 -6.93 -15.92 15.31
CA LEU A 308 -6.14 -15.27 16.35
C LEU A 308 -6.09 -13.76 16.15
N SER A 309 -7.07 -13.24 15.42
CA SER A 309 -7.03 -11.84 15.02
C SER A 309 -7.16 -10.85 16.20
N PHE A 310 -7.68 -11.34 17.33
CA PHE A 310 -7.74 -10.54 18.56
C PHE A 310 -6.70 -11.02 19.56
N GLY A 311 -5.79 -11.88 19.10
CA GLY A 311 -4.81 -12.48 20.00
C GLY A 311 -5.32 -13.74 20.67
N SER A 312 -4.68 -14.11 21.77
CA SER A 312 -5.02 -15.29 22.56
C SER A 312 -4.34 -15.17 23.91
N GLY A 313 -5.05 -15.53 24.98
CA GLY A 313 -4.45 -15.48 26.30
C GLY A 313 -4.74 -14.17 27.03
N ILE A 314 -3.85 -13.77 27.92
CA ILE A 314 -4.15 -12.69 28.85
C ILE A 314 -4.28 -11.31 28.18
N HIS A 315 -3.72 -11.13 26.98
CA HIS A 315 -3.85 -9.86 26.27
C HIS A 315 -4.94 -9.87 25.21
N LEU A 316 -5.71 -10.95 25.13
CA LEU A 316 -6.86 -11.04 24.21
C LEU A 316 -7.64 -9.72 24.18
N CYS A 317 -7.85 -9.20 22.97
CA CYS A 317 -8.29 -7.81 22.78
C CYS A 317 -9.45 -7.40 23.68
N LEU A 318 -9.23 -6.39 24.52
CA LEU A 318 -10.30 -5.84 25.36
C LEU A 318 -11.44 -5.27 24.52
N GLY A 319 -11.12 -4.74 23.34
CA GLY A 319 -12.12 -4.15 22.48
C GLY A 319 -12.90 -5.10 21.60
N ALA A 320 -12.56 -6.40 21.63
CA ALA A 320 -13.11 -7.37 20.68
C ALA A 320 -14.65 -7.36 20.56
N PRO A 321 -15.39 -7.36 21.70
CA PRO A 321 -16.84 -7.33 21.50
C PRO A 321 -17.35 -6.02 20.89
N LEU A 322 -16.66 -4.91 21.13
CA LEU A 322 -17.07 -3.63 20.55
C LEU A 322 -16.74 -3.59 19.05
N ALA A 323 -15.54 -4.03 18.69
CA ALA A 323 -15.15 -4.02 17.28
C ALA A 323 -16.04 -4.94 16.46
N ARG A 324 -16.34 -6.11 16.99
CA ARG A 324 -17.25 -7.04 16.35
C ARG A 324 -18.62 -6.41 16.11
N LEU A 325 -19.14 -5.75 17.14
CA LEU A 325 -20.47 -5.16 17.06
C LEU A 325 -20.52 -3.99 16.07
N GLU A 326 -19.51 -3.11 16.14
CA GLU A 326 -19.41 -1.98 15.22
C GLU A 326 -19.35 -2.46 13.77
N ALA A 327 -18.50 -3.44 13.50
CA ALA A 327 -18.32 -3.91 12.13
C ALA A 327 -19.58 -4.60 11.62
N ARG A 328 -20.21 -5.41 12.46
CA ARG A 328 -21.45 -6.07 12.09
C ARG A 328 -22.56 -5.04 11.74
N ILE A 329 -22.71 -4.02 12.57
CA ILE A 329 -23.76 -3.03 12.33
C ILE A 329 -23.45 -2.20 11.07
N ALA A 330 -22.19 -1.82 10.93
CA ALA A 330 -21.77 -1.10 9.72
C ALA A 330 -22.15 -1.89 8.45
N ILE A 331 -21.84 -3.18 8.45
CA ILE A 331 -22.09 -4.03 7.28
C ILE A 331 -23.59 -4.27 7.06
N GLU A 332 -24.32 -4.49 8.15
CA GLU A 332 -25.78 -4.64 8.07
C GLU A 332 -26.43 -3.45 7.39
N GLU A 333 -26.15 -2.26 7.92
CA GLU A 333 -26.76 -1.04 7.39
C GLU A 333 -26.28 -0.74 5.98
N PHE A 334 -25.01 -1.02 5.71
CA PHE A 334 -24.46 -0.82 4.37
C PHE A 334 -25.16 -1.76 3.39
N SER A 335 -25.31 -3.02 3.78
CA SER A 335 -25.93 -4.02 2.93
C SER A 335 -27.42 -3.74 2.73
N LYS A 336 -28.04 -3.08 3.70
CA LYS A 336 -29.46 -2.73 3.62
C LYS A 336 -29.66 -1.52 2.70
N ARG A 337 -28.80 -0.53 2.82
CA ARG A 337 -29.02 0.70 2.09
C ARG A 337 -28.65 0.62 0.60
N PHE A 338 -27.64 -0.14 0.28
CA PHE A 338 -27.12 -0.15 -1.09
C PHE A 338 -27.19 -1.52 -1.75
N ARG A 339 -27.21 -1.51 -3.08
CA ARG A 339 -27.08 -2.72 -3.89
C ARG A 339 -26.01 -2.48 -4.96
N HIS A 340 -25.64 -3.56 -5.66
CA HIS A 340 -24.78 -3.46 -6.83
CA HIS A 340 -24.74 -3.52 -6.81
C HIS A 340 -23.50 -2.65 -6.61
N ILE A 341 -22.81 -2.87 -5.50
CA ILE A 341 -21.54 -2.18 -5.27
C ILE A 341 -20.53 -2.51 -6.37
N GLU A 342 -19.85 -1.48 -6.87
CA GLU A 342 -18.75 -1.69 -7.80
C GLU A 342 -17.55 -0.90 -7.30
N ILE A 343 -16.42 -1.57 -7.10
CA ILE A 343 -15.23 -0.89 -6.59
C ILE A 343 -14.52 -0.21 -7.75
N LEU A 344 -14.17 1.05 -7.55
CA LEU A 344 -13.54 1.87 -8.58
C LEU A 344 -12.04 2.00 -8.38
N ASP A 345 -11.61 2.02 -7.12
CA ASP A 345 -10.20 2.19 -6.80
C ASP A 345 -9.92 1.84 -5.35
N THR A 346 -8.72 1.33 -5.09
CA THR A 346 -8.30 1.02 -3.73
C THR A 346 -6.87 1.44 -3.52
N GLU A 347 -6.52 1.70 -2.26
CA GLU A 347 -5.13 2.01 -1.93
C GLU A 347 -4.86 1.46 -0.54
N LYS A 348 -3.79 0.68 -0.41
CA LYS A 348 -3.47 0.02 0.86
C LYS A 348 -2.75 0.95 1.83
N VAL A 349 -3.02 0.80 3.12
CA VAL A 349 -2.18 1.40 4.16
C VAL A 349 -0.75 0.85 4.03
N PRO A 350 0.24 1.74 3.90
CA PRO A 350 1.64 1.27 3.80
C PRO A 350 2.24 0.93 5.17
N ASN A 351 1.94 -0.27 5.66
CA ASN A 351 2.39 -0.68 6.98
C ASN A 351 2.42 -2.20 7.04
N GLU A 352 3.43 -2.78 7.69
CA GLU A 352 3.55 -4.24 7.74
C GLU A 352 2.77 -4.84 8.89
N VAL A 353 2.35 -4.01 9.84
CA VAL A 353 1.59 -4.51 11.00
C VAL A 353 0.10 -4.27 10.79
N LEU A 354 -0.23 -3.08 10.30
CA LEU A 354 -1.61 -2.67 10.12
C LEU A 354 -2.08 -2.95 8.69
N ASN A 355 -3.12 -3.78 8.60
CA ASN A 355 -3.61 -4.32 7.33
C ASN A 355 -4.97 -3.70 6.98
N GLY A 356 -4.97 -2.75 6.05
CA GLY A 356 -6.21 -2.08 5.70
C GLY A 356 -6.07 -1.11 4.54
N TYR A 357 -7.08 -0.27 4.37
CA TYR A 357 -7.15 0.59 3.19
C TYR A 357 -7.14 2.06 3.55
N LYS A 358 -6.29 2.79 2.84
CA LYS A 358 -6.19 4.23 2.92
C LYS A 358 -7.33 4.85 2.12
N ARG A 359 -7.68 4.17 1.02
CA ARG A 359 -8.76 4.59 0.13
C ARG A 359 -9.52 3.36 -0.37
N LEU A 360 -10.82 3.49 -0.44
CA LEU A 360 -11.69 2.44 -0.97
C LEU A 360 -12.81 3.14 -1.72
N VAL A 361 -12.61 3.36 -3.01
CA VAL A 361 -13.54 4.17 -3.79
C VAL A 361 -14.52 3.26 -4.50
N VAL A 362 -15.81 3.56 -4.35
CA VAL A 362 -16.85 2.68 -4.87
C VAL A 362 -17.97 3.45 -5.55
N ARG A 363 -18.71 2.73 -6.38
CA ARG A 363 -19.96 3.19 -6.96
C ARG A 363 -21.10 2.32 -6.39
N LEU A 364 -22.22 2.94 -6.02
CA LEU A 364 -23.32 2.20 -5.39
C LEU A 364 -24.68 2.51 -6.02
N LYS A 365 -25.63 1.58 -5.87
CA LYS A 365 -27.03 1.86 -6.20
C LYS A 365 -27.89 1.83 -4.93
N SER A 366 -28.83 2.76 -4.83
CA SER A 366 -29.75 2.82 -3.69
C SER A 366 -30.78 1.68 -3.72
N ASN A 367 -31.63 1.66 -2.70
CA ASN A 367 -32.60 0.59 -2.43
C ASN A 367 -31.91 -0.77 -2.38
N MET B 1 -3.25 -4.37 -8.00
CA MET B 1 -4.62 -4.37 -7.49
C MET B 1 -5.46 -5.50 -8.10
N TYR B 2 -6.31 -6.12 -7.27
CA TYR B 2 -7.24 -7.18 -7.72
C TYR B 2 -8.10 -6.63 -8.84
N ASP B 3 -8.58 -7.49 -9.73
CA ASP B 3 -9.35 -6.96 -10.84
C ASP B 3 -10.76 -6.61 -10.42
N TRP B 4 -10.91 -5.42 -9.83
CA TRP B 4 -12.19 -4.87 -9.40
C TRP B 4 -13.06 -4.48 -10.54
N PHE B 5 -12.44 -4.24 -11.68
CA PHE B 5 -13.11 -3.52 -12.75
C PHE B 5 -13.97 -4.41 -13.59
N SER B 6 -13.92 -5.70 -13.30
CA SER B 6 -14.61 -6.71 -14.08
C SER B 6 -16.05 -6.28 -14.35
N GLU B 7 -16.73 -5.90 -13.28
CA GLU B 7 -18.08 -5.35 -13.35
C GLU B 7 -18.23 -4.16 -14.32
N MET B 8 -17.53 -3.07 -14.00
CA MET B 8 -17.50 -1.88 -14.86
C MET B 8 -17.19 -2.25 -16.31
N ARG B 9 -16.15 -3.07 -16.47
CA ARG B 9 -15.65 -3.39 -17.79
C ARG B 9 -16.72 -3.99 -18.70
N LYS B 10 -17.64 -4.77 -18.14
CA LYS B 10 -18.69 -5.41 -18.94
C LYS B 10 -20.00 -4.64 -19.01
N LYS B 11 -20.42 -4.03 -17.91
CA LYS B 11 -21.69 -3.29 -17.89
C LYS B 11 -21.55 -1.78 -18.13
N ASP B 12 -20.51 -1.16 -17.55
CA ASP B 12 -20.28 0.28 -17.70
C ASP B 12 -18.85 0.63 -18.10
N PRO B 13 -18.44 0.28 -19.33
CA PRO B 13 -17.04 0.45 -19.76
C PRO B 13 -16.62 1.90 -19.94
N VAL B 14 -17.59 2.78 -20.12
CA VAL B 14 -17.32 4.22 -20.23
C VAL B 14 -18.23 4.92 -19.23
N TYR B 15 -17.65 5.44 -18.15
CA TYR B 15 -18.45 5.88 -17.00
C TYR B 15 -18.14 7.32 -16.57
N TYR B 16 -19.20 8.10 -16.35
CA TYR B 16 -19.02 9.46 -15.88
C TYR B 16 -19.27 9.45 -14.39
N ASP B 17 -18.27 9.85 -13.62
CA ASP B 17 -18.34 9.63 -12.17
C ASP B 17 -18.83 10.86 -11.42
N GLY B 18 -19.26 11.88 -12.16
CA GLY B 18 -19.67 13.14 -11.58
C GLY B 18 -18.62 14.22 -11.77
N ASN B 19 -17.41 13.80 -12.09
CA ASN B 19 -16.28 14.74 -12.21
C ASN B 19 -15.47 14.51 -13.48
N ILE B 20 -15.12 13.26 -13.76
CA ILE B 20 -14.37 12.91 -14.95
C ILE B 20 -14.95 11.65 -15.61
N TRP B 21 -14.47 11.33 -16.80
CA TRP B 21 -14.84 10.09 -17.45
C TRP B 21 -13.81 9.03 -17.13
N GLN B 22 -14.27 7.82 -16.89
CA GLN B 22 -13.38 6.68 -16.67
C GLN B 22 -13.71 5.56 -17.65
N VAL B 23 -12.67 5.00 -18.27
CA VAL B 23 -12.83 3.98 -19.29
C VAL B 23 -12.19 2.67 -18.84
N PHE B 24 -12.90 1.55 -18.97
CA PHE B 24 -12.43 0.29 -18.41
C PHE B 24 -12.19 -0.87 -19.39
N SER B 25 -12.75 -0.78 -20.60
CA SER B 25 -12.60 -1.88 -21.55
C SER B 25 -11.38 -1.70 -22.44
N TYR B 26 -10.90 -2.79 -23.03
CA TYR B 26 -9.74 -2.73 -23.90
C TYR B 26 -10.01 -1.89 -25.15
N ARG B 27 -11.16 -2.17 -25.77
CA ARG B 27 -11.51 -1.52 -27.03
C ARG B 27 -11.51 0.00 -26.89
N TYR B 28 -12.18 0.52 -25.87
CA TYR B 28 -12.28 1.97 -25.73
C TYR B 28 -11.01 2.59 -25.15
N THR B 29 -10.28 1.84 -24.33
CA THR B 29 -9.01 2.34 -23.81
C THR B 29 -8.03 2.54 -24.97
N LYS B 30 -7.87 1.51 -25.78
CA LYS B 30 -6.96 1.60 -26.94
C LYS B 30 -7.45 2.66 -27.93
N GLU B 31 -8.76 2.79 -28.08
CA GLU B 31 -9.29 3.81 -28.98
C GLU B 31 -8.92 5.20 -28.50
N VAL B 32 -9.07 5.45 -27.21
CA VAL B 32 -8.71 6.76 -26.64
C VAL B 32 -7.22 7.05 -26.84
N LEU B 33 -6.37 6.08 -26.49
CA LEU B 33 -4.91 6.24 -26.60
C LEU B 33 -4.45 6.55 -28.02
N ASN B 34 -5.09 5.92 -29.00
CA ASN B 34 -4.65 6.10 -30.38
C ASN B 34 -5.25 7.34 -31.05
N ASN B 35 -6.36 7.84 -30.53
CA ASN B 35 -6.97 9.01 -31.15
C ASN B 35 -6.52 10.30 -30.47
N PHE B 36 -5.29 10.72 -30.78
CA PHE B 36 -4.72 11.87 -30.11
C PHE B 36 -5.35 13.20 -30.54
N SER B 37 -5.91 13.26 -31.74
CA SER B 37 -6.44 14.54 -32.20
C SER B 37 -7.72 14.85 -31.43
N LYS B 38 -8.44 13.82 -30.99
CA LYS B 38 -9.63 14.06 -30.17
C LYS B 38 -9.36 13.95 -28.67
N PHE B 39 -8.43 13.10 -28.27
CA PHE B 39 -8.11 12.90 -26.85
C PHE B 39 -6.70 13.38 -26.58
N SER B 40 -6.59 14.61 -26.08
CA SER B 40 -5.29 15.31 -26.03
C SER B 40 -4.47 14.95 -24.81
N SER B 41 -3.15 15.00 -24.97
CA SER B 41 -2.21 14.81 -23.85
C SER B 41 -1.72 16.17 -23.34
N ASP B 42 -2.21 17.24 -23.93
CA ASP B 42 -1.80 18.59 -23.57
C ASP B 42 -2.49 19.05 -22.26
N LEU B 43 -2.02 18.54 -21.14
CA LEU B 43 -2.66 18.76 -19.85
C LEU B 43 -1.95 19.81 -18.99
N THR B 44 -0.88 20.40 -19.52
CA THR B 44 -0.04 21.29 -18.73
C THR B 44 0.17 22.64 -19.39
N GLY B 45 -0.61 22.94 -20.42
CA GLY B 45 -0.51 24.21 -21.12
C GLY B 45 0.75 24.36 -21.96
N TYR B 46 1.40 23.24 -22.25
CA TYR B 46 2.63 23.25 -23.05
C TYR B 46 2.40 23.91 -24.42
N HIS B 47 1.34 23.52 -25.10
CA HIS B 47 1.06 24.12 -26.40
C HIS B 47 0.72 25.62 -26.31
N GLU B 48 -0.09 25.99 -25.34
CA GLU B 48 -0.41 27.40 -25.13
C GLU B 48 0.84 28.25 -24.86
N ARG B 49 1.81 27.69 -24.14
CA ARG B 49 2.96 28.47 -23.68
C ARG B 49 4.20 28.35 -24.56
N LEU B 50 4.10 27.51 -25.59
CA LEU B 50 5.25 27.21 -26.45
C LEU B 50 5.91 28.47 -27.03
N GLU B 51 5.10 29.39 -27.52
CA GLU B 51 5.64 30.62 -28.07
C GLU B 51 6.42 31.39 -27.01
N ASP B 52 5.83 31.56 -25.83
CA ASP B 52 6.48 32.34 -24.79
C ASP B 52 7.67 31.59 -24.19
N LEU B 53 7.64 30.26 -24.22
CA LEU B 53 8.83 29.48 -23.85
C LEU B 53 9.98 29.77 -24.81
N ARG B 54 9.68 29.70 -26.11
CA ARG B 54 10.73 29.77 -27.13
C ARG B 54 11.27 31.18 -27.35
N ASN B 55 10.55 32.20 -26.88
CA ASN B 55 11.12 33.54 -26.99
C ASN B 55 11.57 34.11 -25.64
N GLY B 56 11.67 33.23 -24.63
CA GLY B 56 12.30 33.58 -23.37
C GLY B 56 11.44 34.32 -22.36
N LYS B 57 10.14 34.41 -22.62
CA LYS B 57 9.24 35.18 -21.76
C LYS B 57 8.80 34.39 -20.54
N ILE B 58 8.97 33.08 -20.58
CA ILE B 58 8.78 32.22 -19.42
C ILE B 58 10.13 31.74 -18.94
N ARG B 59 10.57 32.17 -17.76
CA ARG B 59 11.87 31.74 -17.28
C ARG B 59 11.78 30.87 -16.02
N PHE B 60 10.64 30.93 -15.33
CA PHE B 60 10.42 30.03 -14.21
C PHE B 60 9.15 29.21 -14.37
N ASP B 61 9.26 27.90 -14.11
CA ASP B 61 8.12 27.00 -14.18
C ASP B 61 8.56 25.59 -13.75
N ILE B 62 7.60 24.67 -13.69
CA ILE B 62 7.90 23.27 -13.38
C ILE B 62 8.38 22.57 -14.63
N PRO B 63 9.65 22.18 -14.68
CA PRO B 63 10.22 21.57 -15.90
C PRO B 63 9.40 20.40 -16.44
N THR B 64 8.89 19.54 -15.55
CA THR B 64 8.18 18.35 -16.01
C THR B 64 6.77 18.66 -16.53
N ARG B 65 6.37 19.93 -16.52
CA ARG B 65 5.17 20.33 -17.25
C ARG B 65 5.43 20.36 -18.77
N TYR B 66 6.70 20.44 -19.17
CA TYR B 66 7.01 20.66 -20.58
C TYR B 66 7.90 19.55 -21.13
N THR B 67 7.30 18.37 -21.29
CA THR B 67 7.97 17.24 -21.92
C THR B 67 7.04 16.66 -22.98
N MET B 68 7.57 15.72 -23.76
CA MET B 68 6.82 15.11 -24.86
C MET B 68 5.60 14.37 -24.33
N LEU B 69 5.67 13.96 -23.07
CA LEU B 69 4.60 13.17 -22.47
C LEU B 69 3.29 13.97 -22.43
N THR B 70 3.41 15.26 -22.21
CA THR B 70 2.22 16.11 -22.16
C THR B 70 2.16 17.08 -23.34
N SER B 71 2.30 16.53 -24.56
CA SER B 71 2.21 17.31 -25.77
C SER B 71 1.52 16.51 -26.87
N ASP B 72 0.97 17.22 -27.86
CA ASP B 72 0.35 16.64 -29.04
C ASP B 72 1.20 16.97 -30.26
N PRO B 73 0.98 16.24 -31.37
CA PRO B 73 1.58 16.66 -32.64
C PRO B 73 1.16 18.09 -33.00
N PRO B 74 2.04 18.85 -33.66
CA PRO B 74 3.38 18.45 -34.11
C PRO B 74 4.45 18.52 -33.02
N LEU B 75 4.20 19.29 -31.95
CA LEU B 75 5.19 19.47 -30.89
C LEU B 75 5.74 18.13 -30.37
N HIS B 76 4.84 17.20 -30.08
CA HIS B 76 5.24 15.89 -29.60
C HIS B 76 6.28 15.23 -30.50
N ASP B 77 6.04 15.28 -31.81
CA ASP B 77 6.88 14.57 -32.75
C ASP B 77 8.22 15.29 -32.92
N GLU B 78 8.20 16.62 -32.93
CA GLU B 78 9.45 17.38 -32.94
C GLU B 78 10.33 16.93 -31.77
N LEU B 79 9.70 16.75 -30.61
CA LEU B 79 10.44 16.46 -29.37
C LEU B 79 10.96 15.03 -29.35
N ARG B 80 10.06 14.08 -29.62
CA ARG B 80 10.46 12.67 -29.54
C ARG B 80 11.51 12.33 -30.60
N SER B 81 11.42 12.95 -31.76
CA SER B 81 12.32 12.59 -32.85
C SER B 81 13.77 12.89 -32.48
N MET B 82 13.97 13.79 -31.54
CA MET B 82 15.33 14.12 -31.09
C MET B 82 15.97 12.94 -30.33
N SER B 83 15.17 12.08 -29.71
CA SER B 83 15.77 10.95 -28.99
C SER B 83 15.18 9.60 -29.42
N ALA B 84 14.66 9.53 -30.64
CA ALA B 84 13.97 8.32 -31.10
C ALA B 84 14.89 7.09 -31.17
N ASP B 85 16.19 7.33 -31.34
CA ASP B 85 17.17 6.24 -31.51
C ASP B 85 17.94 5.90 -30.22
N ILE B 86 17.58 6.51 -29.11
CA ILE B 86 18.38 6.38 -27.88
C ILE B 86 18.46 4.93 -27.36
N PHE B 87 17.42 4.13 -27.58
CA PHE B 87 17.40 2.75 -27.08
C PHE B 87 17.31 1.76 -28.24
N SER B 88 18.00 2.05 -29.34
CA SER B 88 17.97 1.22 -30.54
C SER B 88 18.52 -0.18 -30.26
N PRO B 89 18.07 -1.18 -31.02
CA PRO B 89 18.51 -2.56 -30.80
C PRO B 89 20.04 -2.68 -30.76
N GLN B 90 20.72 -1.93 -31.61
CA GLN B 90 22.17 -1.98 -31.65
C GLN B 90 22.78 -1.38 -30.37
N LYS B 91 22.24 -0.26 -29.88
CA LYS B 91 22.74 0.35 -28.64
C LYS B 91 22.50 -0.52 -27.41
N LEU B 92 21.34 -1.15 -27.34
CA LEU B 92 21.04 -2.02 -26.21
C LEU B 92 21.87 -3.28 -26.24
N GLN B 93 22.19 -3.80 -27.42
CA GLN B 93 22.99 -5.01 -27.44
C GLN B 93 24.40 -4.76 -26.88
N THR B 94 24.93 -3.55 -27.06
CA THR B 94 26.26 -3.27 -26.54
C THR B 94 26.23 -3.06 -25.03
N LEU B 95 25.03 -2.83 -24.50
CA LEU B 95 24.84 -2.58 -23.07
C LEU B 95 24.57 -3.83 -22.24
N GLU B 96 24.31 -4.95 -22.92
CA GLU B 96 23.90 -6.18 -22.25
C GLU B 96 24.89 -6.63 -21.20
N THR B 97 26.17 -6.65 -21.55
CA THR B 97 27.18 -7.09 -20.60
C THR B 97 27.21 -6.22 -19.33
N PHE B 98 27.17 -4.90 -19.51
CA PHE B 98 27.16 -3.99 -18.37
C PHE B 98 25.93 -4.21 -17.49
N ILE B 99 24.77 -4.41 -18.11
CA ILE B 99 23.55 -4.65 -17.33
C ILE B 99 23.67 -5.97 -16.58
N ARG B 100 24.19 -6.99 -17.25
N ARG B 100 24.20 -7.00 -17.23
CA ARG B 100 24.35 -8.30 -16.62
CA ARG B 100 24.32 -8.30 -16.59
C ARG B 100 25.34 -8.24 -15.45
C ARG B 100 25.35 -8.26 -15.45
N GLU B 101 26.48 -7.59 -15.69
CA GLU B 101 27.52 -7.48 -14.66
C GLU B 101 27.06 -6.65 -13.48
N THR B 102 26.36 -5.55 -13.77
CA THR B 102 25.73 -4.75 -12.72
C THR B 102 24.74 -5.58 -11.89
N THR B 103 23.88 -6.32 -12.57
CA THR B 103 22.88 -7.15 -11.90
C THR B 103 23.53 -8.16 -10.96
N ARG B 104 24.59 -8.82 -11.43
CA ARG B 104 25.26 -9.83 -10.61
C ARG B 104 25.86 -9.23 -9.35
N SER B 105 26.45 -8.04 -9.49
CA SER B 105 26.98 -7.33 -8.33
C SER B 105 25.87 -6.99 -7.34
N LEU B 106 24.70 -6.63 -7.85
CA LEU B 106 23.57 -6.34 -6.97
C LEU B 106 23.10 -7.62 -6.29
N LEU B 107 23.11 -8.73 -7.01
CA LEU B 107 22.64 -9.99 -6.44
C LEU B 107 23.55 -10.41 -5.30
N ASP B 108 24.87 -10.15 -5.45
CA ASP B 108 25.86 -10.33 -4.38
C ASP B 108 25.49 -9.68 -3.05
N SER B 109 24.73 -8.58 -3.09
CA SER B 109 24.38 -7.84 -1.87
C SER B 109 23.29 -8.51 -1.05
N ILE B 110 22.62 -9.51 -1.61
CA ILE B 110 21.45 -10.11 -0.97
C ILE B 110 21.83 -11.15 0.08
N ASP B 111 21.39 -10.91 1.31
CA ASP B 111 21.55 -11.89 2.39
C ASP B 111 20.42 -12.91 2.30
N PRO B 112 20.75 -14.15 1.89
CA PRO B 112 19.76 -15.21 1.64
C PRO B 112 18.86 -15.49 2.85
N ARG B 113 19.35 -15.22 4.06
CA ARG B 113 18.56 -15.51 5.25
C ARG B 113 17.31 -14.61 5.30
N GLU B 114 17.47 -13.37 4.85
CA GLU B 114 16.38 -12.40 4.78
C GLU B 114 16.89 -11.12 4.13
N ASP B 115 16.18 -10.62 3.12
CA ASP B 115 16.58 -9.35 2.54
C ASP B 115 15.44 -8.80 1.70
N ASP B 116 15.50 -7.50 1.42
CA ASP B 116 14.50 -6.79 0.66
C ASP B 116 14.96 -6.67 -0.78
N ILE B 117 14.30 -7.36 -1.69
CA ILE B 117 14.82 -7.37 -3.05
C ILE B 117 14.45 -6.07 -3.79
N VAL B 118 13.45 -5.34 -3.29
CA VAL B 118 13.20 -3.99 -3.79
C VAL B 118 14.44 -3.11 -3.57
N LYS B 119 14.94 -3.09 -2.33
CA LYS B 119 16.09 -2.25 -2.00
C LYS B 119 17.40 -2.70 -2.64
N LYS B 120 17.61 -4.01 -2.72
CA LYS B 120 18.89 -4.56 -3.16
C LYS B 120 18.99 -4.69 -4.68
N LEU B 121 17.88 -4.96 -5.35
CA LEU B 121 17.90 -5.25 -6.79
C LEU B 121 17.04 -4.31 -7.64
N ALA B 122 15.75 -4.25 -7.33
CA ALA B 122 14.81 -3.54 -8.20
C ALA B 122 15.05 -2.02 -8.26
N VAL B 123 15.32 -1.39 -7.12
CA VAL B 123 15.54 0.05 -7.13
C VAL B 123 16.89 0.42 -7.77
N PRO B 124 17.97 -0.26 -7.38
CA PRO B 124 19.24 0.27 -7.91
C PRO B 124 19.47 0.02 -9.41
N LEU B 125 19.01 -1.11 -9.96
CA LEU B 125 19.36 -1.45 -11.35
C LEU B 125 18.98 -0.38 -12.40
N PRO B 126 17.72 0.10 -12.42
CA PRO B 126 17.40 1.08 -13.47
C PRO B 126 18.18 2.39 -13.32
N ILE B 127 18.38 2.83 -12.07
CA ILE B 127 19.15 4.04 -11.81
C ILE B 127 20.57 3.91 -12.36
N ILE B 128 21.23 2.80 -12.05
CA ILE B 128 22.60 2.58 -12.51
C ILE B 128 22.67 2.51 -14.04
N VAL B 129 21.67 1.88 -14.66
CA VAL B 129 21.73 1.67 -16.11
C VAL B 129 21.48 3.00 -16.86
N ILE B 130 20.51 3.79 -16.41
CA ILE B 130 20.19 5.01 -17.15
C ILE B 130 21.28 6.06 -16.96
N SER B 131 21.94 6.04 -15.79
CA SER B 131 23.06 6.92 -15.53
C SER B 131 24.22 6.61 -16.51
N LYS B 132 24.45 5.32 -16.76
CA LYS B 132 25.46 4.87 -17.70
C LYS B 132 25.14 5.30 -19.12
N ILE B 133 23.88 5.14 -19.50
CA ILE B 133 23.47 5.45 -20.85
C ILE B 133 23.61 6.96 -21.12
N LEU B 134 23.20 7.77 -20.15
CA LEU B 134 23.19 9.21 -20.32
C LEU B 134 24.51 9.87 -19.93
N GLY B 135 25.42 9.10 -19.34
CA GLY B 135 26.69 9.64 -18.89
C GLY B 135 26.53 10.68 -17.81
N LEU B 136 25.51 10.51 -16.97
CA LEU B 136 25.29 11.43 -15.84
C LEU B 136 25.52 10.67 -14.54
N PRO B 137 26.53 11.08 -13.76
CA PRO B 137 27.02 10.34 -12.59
C PRO B 137 26.04 10.29 -11.44
N ILE B 138 26.00 9.16 -10.74
CA ILE B 138 25.21 9.03 -9.53
C ILE B 138 26.06 9.44 -8.35
N GLU B 139 26.04 10.73 -8.04
CA GLU B 139 26.92 11.28 -7.01
C GLU B 139 26.37 10.97 -5.61
N ASP B 140 25.04 10.97 -5.49
CA ASP B 140 24.37 10.62 -4.24
C ASP B 140 23.26 9.60 -4.51
N LYS B 141 23.47 8.37 -4.08
CA LYS B 141 22.52 7.27 -4.35
C LYS B 141 21.13 7.55 -3.79
N GLU B 142 21.09 8.00 -2.53
CA GLU B 142 19.85 8.33 -1.86
C GLU B 142 19.08 9.47 -2.54
N LYS B 143 19.81 10.46 -3.04
CA LYS B 143 19.16 11.56 -3.74
C LYS B 143 18.50 11.10 -5.04
N PHE B 144 19.19 10.28 -5.82
CA PHE B 144 18.60 9.75 -7.05
C PHE B 144 17.33 8.96 -6.78
N LYS B 145 17.32 8.24 -5.66
CA LYS B 145 16.13 7.48 -5.29
C LYS B 145 14.99 8.43 -4.94
N GLU B 146 15.29 9.47 -4.15
CA GLU B 146 14.29 10.48 -3.81
C GLU B 146 13.73 11.16 -5.05
N TRP B 147 14.61 11.48 -6.00
CA TRP B 147 14.18 12.14 -7.22
C TRP B 147 13.32 11.22 -8.09
N SER B 148 13.71 9.95 -8.17
CA SER B 148 12.92 8.99 -8.95
C SER B 148 11.49 8.91 -8.41
N ASP B 149 11.35 8.90 -7.10
CA ASP B 149 10.03 8.86 -6.47
C ASP B 149 9.19 10.12 -6.70
N LEU B 150 9.78 11.30 -6.47
CA LEU B 150 9.00 12.53 -6.57
C LEU B 150 8.58 12.84 -8.01
N VAL B 151 9.46 12.58 -8.97
CA VAL B 151 9.14 12.77 -10.38
C VAL B 151 8.04 11.82 -10.84
N ALA B 152 8.14 10.55 -10.43
CA ALA B 152 7.09 9.58 -10.73
C ALA B 152 5.76 10.02 -10.12
N PHE B 153 5.80 10.52 -8.89
CA PHE B 153 4.59 10.97 -8.21
C PHE B 153 3.97 12.12 -8.99
N ARG B 154 4.80 13.07 -9.42
CA ARG B 154 4.29 14.24 -10.11
C ARG B 154 3.71 13.93 -11.49
N LEU B 155 4.36 13.05 -12.23
CA LEU B 155 3.88 12.66 -13.55
C LEU B 155 2.51 11.97 -13.46
N GLY B 156 2.20 11.40 -12.31
CA GLY B 156 0.92 10.73 -12.10
C GLY B 156 -0.20 11.70 -11.77
N LYS B 157 0.16 12.97 -11.61
CA LYS B 157 -0.80 14.03 -11.35
C LYS B 157 -0.62 15.17 -12.35
N PRO B 158 -0.84 14.87 -13.65
CA PRO B 158 -0.59 15.85 -14.71
C PRO B 158 -1.39 17.12 -14.53
N GLY B 159 -0.72 18.26 -14.57
CA GLY B 159 -1.40 19.54 -14.54
C GLY B 159 -1.76 20.05 -13.15
N GLU B 160 -1.53 19.23 -12.13
CA GLU B 160 -1.74 19.64 -10.74
C GLU B 160 -0.41 20.06 -10.15
N ILE B 161 -0.40 20.47 -8.89
CA ILE B 161 0.84 20.78 -8.14
C ILE B 161 1.75 21.79 -8.84
N PHE B 162 1.62 23.05 -8.46
CA PHE B 162 2.37 24.10 -9.13
C PHE B 162 3.54 24.61 -8.30
N GLU B 163 3.88 23.90 -7.23
CA GLU B 163 5.00 24.31 -6.38
C GLU B 163 6.17 23.34 -6.62
N LEU B 164 7.40 23.80 -6.39
CA LEU B 164 8.57 22.97 -6.66
C LEU B 164 8.99 22.12 -5.46
N GLY B 165 9.59 22.73 -4.46
CA GLY B 165 9.99 21.97 -3.28
C GLY B 165 11.48 21.68 -3.28
N LYS B 166 12.03 21.43 -2.10
CA LYS B 166 13.48 21.42 -1.94
C LYS B 166 14.15 20.29 -2.71
N LYS B 167 13.53 19.11 -2.72
CA LYS B 167 14.13 17.97 -3.39
C LYS B 167 14.17 18.19 -4.89
N TYR B 168 13.07 18.68 -5.45
CA TYR B 168 12.97 18.98 -6.88
C TYR B 168 14.05 20.01 -7.23
N LEU B 169 14.22 21.00 -6.35
CA LEU B 169 15.18 22.07 -6.59
C LEU B 169 16.60 21.52 -6.65
N GLU B 170 16.92 20.56 -5.78
CA GLU B 170 18.22 19.90 -5.84
C GLU B 170 18.39 19.12 -7.13
N LEU B 171 17.31 18.51 -7.62
CA LEU B 171 17.36 17.80 -8.88
C LEU B 171 17.69 18.76 -10.02
N ILE B 172 16.98 19.88 -10.05
CA ILE B 172 17.23 20.91 -11.05
C ILE B 172 18.69 21.39 -10.99
N GLY B 173 19.17 21.65 -9.78
CA GLY B 173 20.55 22.02 -9.58
C GLY B 173 21.52 20.98 -10.10
N TYR B 174 21.20 19.71 -9.86
CA TYR B 174 22.04 18.62 -10.35
C TYR B 174 22.12 18.61 -11.88
N VAL B 175 20.98 18.81 -12.53
CA VAL B 175 20.94 18.73 -13.98
C VAL B 175 21.71 19.90 -14.58
N LYS B 176 21.47 21.10 -14.05
CA LYS B 176 22.18 22.30 -14.46
C LYS B 176 23.68 22.11 -14.30
N ASP B 177 24.08 21.43 -13.23
CA ASP B 177 25.50 21.15 -12.98
C ASP B 177 26.12 20.14 -13.93
N HIS B 178 25.30 19.36 -14.63
CA HIS B 178 25.86 18.30 -15.48
C HIS B 178 25.43 18.42 -16.94
N LEU B 179 24.83 19.55 -17.30
CA LEU B 179 24.30 19.77 -18.65
C LEU B 179 25.28 19.43 -19.77
N ASN B 180 26.56 19.60 -19.50
CA ASN B 180 27.54 19.49 -20.58
C ASN B 180 28.48 18.31 -20.43
N SER B 181 28.13 17.35 -19.58
CA SER B 181 29.03 16.22 -19.35
C SER B 181 28.43 14.87 -19.77
N GLY B 182 27.25 14.89 -20.36
CA GLY B 182 26.55 13.66 -20.72
C GLY B 182 26.88 13.09 -22.08
N THR B 183 26.21 12.00 -22.45
CA THR B 183 26.43 11.38 -23.75
C THR B 183 25.68 12.15 -24.85
N GLU B 184 25.63 11.58 -26.04
CA GLU B 184 25.14 12.27 -27.24
C GLU B 184 23.70 12.77 -27.13
N VAL B 185 22.79 11.97 -26.61
CA VAL B 185 21.40 12.43 -26.58
C VAL B 185 21.23 13.57 -25.57
N VAL B 186 22.01 13.57 -24.49
CA VAL B 186 21.98 14.70 -23.56
C VAL B 186 22.49 15.95 -24.27
N SER B 187 23.62 15.83 -24.96
CA SER B 187 24.18 16.94 -25.74
C SER B 187 23.22 17.43 -26.81
N ARG B 188 22.55 16.50 -27.49
CA ARG B 188 21.50 16.85 -28.46
C ARG B 188 20.47 17.79 -27.85
N VAL B 189 19.95 17.39 -26.70
CA VAL B 189 18.94 18.18 -26.01
C VAL B 189 19.49 19.55 -25.60
N VAL B 190 20.65 19.54 -24.96
CA VAL B 190 21.26 20.76 -24.43
C VAL B 190 21.58 21.78 -25.52
N ASN B 191 22.01 21.30 -26.68
CA ASN B 191 22.35 22.18 -27.79
C ASN B 191 21.21 22.47 -28.75
N SER B 192 20.00 22.04 -28.41
CA SER B 192 18.86 22.19 -29.30
C SER B 192 18.29 23.60 -29.21
N ASN B 193 17.32 23.91 -30.07
CA ASN B 193 16.64 25.21 -30.04
C ASN B 193 15.60 25.36 -28.91
N LEU B 194 15.48 24.33 -28.07
CA LEU B 194 14.51 24.35 -26.97
C LEU B 194 14.81 25.43 -25.92
N SER B 195 13.79 25.87 -25.20
CA SER B 195 13.98 26.75 -24.04
C SER B 195 14.75 26.03 -22.94
N ASP B 196 15.33 26.79 -22.02
CA ASP B 196 16.03 26.22 -20.87
C ASP B 196 15.10 25.32 -20.06
N ILE B 197 13.88 25.79 -19.81
CA ILE B 197 12.90 25.02 -19.05
C ILE B 197 12.61 23.66 -19.72
N GLU B 198 12.42 23.67 -21.04
CA GLU B 198 12.18 22.43 -21.79
C GLU B 198 13.37 21.48 -21.72
N LYS B 199 14.57 22.01 -21.88
CA LYS B 199 15.77 21.18 -21.78
C LYS B 199 15.83 20.48 -20.43
N LEU B 200 15.53 21.23 -19.36
CA LEU B 200 15.48 20.66 -18.02
C LEU B 200 14.41 19.58 -17.94
N GLY B 201 13.22 19.86 -18.45
CA GLY B 201 12.16 18.86 -18.47
C GLY B 201 12.57 17.62 -19.24
N TYR B 202 13.17 17.81 -20.41
CA TYR B 202 13.47 16.69 -21.31
C TYR B 202 14.48 15.77 -20.59
N ILE B 203 15.54 16.38 -20.02
CA ILE B 203 16.60 15.63 -19.34
C ILE B 203 16.05 14.87 -18.14
N ILE B 204 15.25 15.55 -17.32
CA ILE B 204 14.56 14.94 -16.18
CA ILE B 204 14.62 14.92 -16.17
C ILE B 204 13.77 13.72 -16.61
N LEU B 205 13.01 13.91 -17.68
CA LEU B 205 12.18 12.83 -18.21
C LEU B 205 13.02 11.60 -18.56
N LEU B 206 14.11 11.78 -19.31
CA LEU B 206 14.94 10.64 -19.69
C LEU B 206 15.72 10.04 -18.52
N LEU B 207 16.29 10.91 -17.70
CA LEU B 207 17.16 10.42 -16.62
C LEU B 207 16.36 9.78 -15.48
N ILE B 208 15.21 10.35 -15.17
CA ILE B 208 14.57 10.05 -13.90
C ILE B 208 13.24 9.31 -14.07
N ALA B 209 12.44 9.71 -15.06
CA ALA B 209 11.07 9.22 -15.17
C ALA B 209 10.92 7.69 -15.34
N GLY B 210 11.94 7.02 -15.83
CA GLY B 210 11.82 5.60 -16.08
C GLY B 210 12.19 4.70 -14.90
N ASN B 211 12.72 5.28 -13.83
CA ASN B 211 13.30 4.47 -12.76
C ASN B 211 12.25 3.72 -11.95
N GLU B 212 11.26 4.45 -11.44
CA GLU B 212 10.27 3.85 -10.54
C GLU B 212 9.40 2.82 -11.27
N THR B 213 8.98 3.12 -12.50
CA THR B 213 8.22 2.14 -13.28
C THR B 213 9.00 0.87 -13.56
N THR B 214 10.26 0.98 -13.96
CA THR B 214 11.06 -0.20 -14.24
C THR B 214 11.31 -1.01 -12.98
N THR B 215 11.59 -0.33 -11.89
CA THR B 215 11.70 -0.98 -10.58
C THR B 215 10.46 -1.81 -10.27
N ASN B 216 9.30 -1.21 -10.49
CA ASN B 216 8.06 -1.91 -10.20
C ASN B 216 7.84 -3.14 -11.10
N LEU B 217 8.26 -3.06 -12.35
CA LEU B 217 8.19 -4.22 -13.24
C LEU B 217 9.01 -5.38 -12.67
N ILE B 218 10.22 -5.09 -12.23
CA ILE B 218 11.09 -6.11 -11.65
C ILE B 218 10.43 -6.74 -10.40
N SER B 219 10.00 -5.88 -9.46
CA SER B 219 9.30 -6.35 -8.26
C SER B 219 8.04 -7.14 -8.56
N ASN B 220 7.18 -6.60 -9.43
CA ASN B 220 5.93 -7.28 -9.76
C ASN B 220 6.19 -8.62 -10.41
N SER B 221 7.23 -8.70 -11.23
CA SER B 221 7.64 -9.96 -11.85
C SER B 221 8.05 -10.98 -10.79
N VAL B 222 8.88 -10.56 -9.84
CA VAL B 222 9.30 -11.47 -8.78
C VAL B 222 8.10 -11.96 -7.96
N ILE B 223 7.19 -11.05 -7.67
CA ILE B 223 5.94 -11.39 -6.98
C ILE B 223 5.12 -12.42 -7.78
N ASP B 224 4.84 -12.10 -9.03
CA ASP B 224 3.97 -12.95 -9.84
C ASP B 224 4.55 -14.35 -10.04
N PHE B 225 5.84 -14.44 -10.36
CA PHE B 225 6.45 -15.74 -10.65
C PHE B 225 6.46 -16.59 -9.37
N THR B 226 6.58 -15.94 -8.22
CA THR B 226 6.60 -16.62 -6.95
C THR B 226 5.20 -17.07 -6.58
N ARG B 227 4.25 -16.15 -6.68
CA ARG B 227 2.86 -16.43 -6.34
C ARG B 227 2.34 -17.64 -7.12
N PHE B 228 2.68 -17.71 -8.39
CA PHE B 228 2.11 -18.76 -9.23
C PHE B 228 3.05 -19.93 -9.43
N ASN B 229 4.13 -19.95 -8.65
CA ASN B 229 5.11 -21.04 -8.65
C ASN B 229 5.64 -21.37 -10.03
N LEU B 230 6.26 -20.38 -10.67
CA LEU B 230 6.60 -20.49 -12.08
C LEU B 230 8.10 -20.51 -12.36
N TRP B 231 8.91 -20.32 -11.34
CA TRP B 231 10.35 -20.15 -11.55
C TRP B 231 11.01 -21.34 -12.26
N GLN B 232 10.70 -22.56 -11.82
CA GLN B 232 11.32 -23.74 -12.43
C GLN B 232 10.91 -23.84 -13.88
N ARG B 233 9.64 -23.62 -14.15
CA ARG B 233 9.12 -23.74 -15.49
C ARG B 233 9.71 -22.64 -16.41
N ILE B 234 9.85 -21.42 -15.87
CA ILE B 234 10.45 -20.32 -16.64
C ILE B 234 11.93 -20.63 -16.99
N ARG B 235 12.66 -21.24 -16.06
CA ARG B 235 14.03 -21.68 -16.34
C ARG B 235 14.07 -22.77 -17.41
N GLU B 236 13.32 -23.83 -17.18
CA GLU B 236 13.37 -25.03 -18.03
C GLU B 236 12.95 -24.73 -19.46
N GLU B 237 11.86 -23.97 -19.61
CA GLU B 237 11.30 -23.73 -20.93
C GLU B 237 11.80 -22.41 -21.53
N ASN B 238 12.70 -21.75 -20.82
CA ASN B 238 13.25 -20.44 -21.24
C ASN B 238 12.14 -19.44 -21.54
N LEU B 239 11.25 -19.22 -20.57
CA LEU B 239 10.08 -18.39 -20.82
C LEU B 239 10.27 -16.92 -20.45
N TYR B 240 11.49 -16.48 -20.21
CA TYR B 240 11.72 -15.13 -19.64
C TYR B 240 11.00 -13.99 -20.39
N LEU B 241 11.10 -14.02 -21.72
CA LEU B 241 10.51 -12.99 -22.55
C LEU B 241 9.00 -12.89 -22.38
N LYS B 242 8.31 -14.00 -22.60
CA LYS B 242 6.86 -14.01 -22.53
C LYS B 242 6.36 -13.88 -21.10
N ALA B 243 7.16 -14.36 -20.14
CA ALA B 243 6.74 -14.28 -18.74
C ALA B 243 6.75 -12.84 -18.25
N ILE B 244 7.74 -12.07 -18.71
CA ILE B 244 7.83 -10.65 -18.38
C ILE B 244 6.70 -9.87 -19.07
N GLU B 245 6.33 -10.29 -20.28
CA GLU B 245 5.17 -9.69 -20.96
C GLU B 245 3.90 -9.97 -20.15
N GLU B 246 3.80 -11.17 -19.57
CA GLU B 246 2.59 -11.52 -18.81
C GLU B 246 2.56 -10.80 -17.46
N ALA B 247 3.73 -10.56 -16.86
CA ALA B 247 3.82 -9.69 -15.68
C ALA B 247 3.35 -8.26 -15.99
N LEU B 248 3.79 -7.73 -17.12
CA LEU B 248 3.36 -6.42 -17.59
C LEU B 248 1.85 -6.35 -17.76
N ARG B 249 1.26 -7.36 -18.41
CA ARG B 249 -0.20 -7.40 -18.57
C ARG B 249 -0.95 -7.45 -17.24
N TYR B 250 -0.53 -8.41 -16.42
CA TYR B 250 -1.22 -8.79 -15.20
C TYR B 250 -0.96 -7.77 -14.08
N SER B 251 0.24 -7.20 -14.06
CA SER B 251 0.65 -6.27 -13.01
C SER B 251 1.32 -5.03 -13.57
N PRO B 252 0.55 -4.24 -14.34
CA PRO B 252 1.12 -3.05 -15.00
C PRO B 252 1.67 -2.03 -14.01
N PRO B 253 2.94 -1.62 -14.17
CA PRO B 253 3.51 -0.57 -13.33
C PRO B 253 2.77 0.77 -13.40
N VAL B 254 2.24 1.10 -14.58
CA VAL B 254 1.35 2.27 -14.72
C VAL B 254 -0.09 1.79 -14.89
N MET B 255 -0.92 2.06 -13.89
CA MET B 255 -2.30 1.54 -13.85
C MET B 255 -3.22 2.19 -14.86
N ARG B 256 -2.92 3.45 -15.17
CA ARG B 256 -3.89 4.26 -15.90
C ARG B 256 -3.21 5.49 -16.44
N THR B 257 -3.84 6.13 -17.42
CA THR B 257 -3.38 7.43 -17.83
C THR B 257 -4.58 8.32 -18.18
N VAL B 258 -4.29 9.58 -18.51
CA VAL B 258 -5.33 10.59 -18.64
C VAL B 258 -5.24 11.33 -19.97
N ARG B 259 -6.39 11.67 -20.52
CA ARG B 259 -6.49 12.52 -21.71
C ARG B 259 -7.53 13.65 -21.47
N LYS B 260 -7.52 14.67 -22.31
CA LYS B 260 -8.53 15.73 -22.26
C LYS B 260 -9.14 15.88 -23.66
N THR B 261 -10.47 15.89 -23.75
CA THR B 261 -11.12 15.97 -25.05
C THR B 261 -10.94 17.37 -25.66
N LYS B 262 -10.59 17.40 -26.95
CA LYS B 262 -10.45 18.67 -27.66
C LYS B 262 -11.77 19.09 -28.30
N GLU B 263 -12.73 18.18 -28.31
CA GLU B 263 -14.02 18.42 -28.94
C GLU B 263 -15.03 17.41 -28.45
N ARG B 264 -16.31 17.71 -28.58
CA ARG B 264 -17.35 16.72 -28.27
C ARG B 264 -17.08 15.45 -29.07
N VAL B 265 -17.11 14.32 -28.39
CA VAL B 265 -16.79 13.04 -29.02
C VAL B 265 -17.70 11.95 -28.51
N LYS B 266 -17.89 10.95 -29.35
CA LYS B 266 -18.60 9.75 -28.98
C LYS B 266 -17.58 8.68 -28.61
N LEU B 267 -17.82 8.01 -27.50
CA LEU B 267 -17.00 6.88 -27.11
C LEU B 267 -17.97 5.83 -26.58
N GLY B 268 -18.03 4.69 -27.26
CA GLY B 268 -19.07 3.72 -26.97
C GLY B 268 -20.42 4.36 -27.21
N ASP B 269 -21.37 4.09 -26.32
CA ASP B 269 -22.69 4.73 -26.38
C ASP B 269 -22.69 6.13 -25.79
N GLN B 270 -21.53 6.57 -25.29
CA GLN B 270 -21.49 7.80 -24.52
C GLN B 270 -21.08 9.00 -25.36
N THR B 271 -21.54 10.17 -24.94
CA THR B 271 -21.15 11.41 -25.58
C THR B 271 -20.36 12.22 -24.57
N ILE B 272 -19.11 12.51 -24.92
CA ILE B 272 -18.23 13.22 -24.03
C ILE B 272 -18.05 14.62 -24.58
N GLU B 273 -18.28 15.64 -23.74
CA GLU B 273 -18.17 17.03 -24.18
C GLU B 273 -16.71 17.46 -24.30
N GLU B 274 -16.49 18.58 -24.98
CA GLU B 274 -15.16 19.17 -25.11
C GLU B 274 -14.66 19.61 -23.74
N GLY B 275 -13.35 19.51 -23.52
CA GLY B 275 -12.77 19.93 -22.25
C GLY B 275 -12.94 18.95 -21.09
N GLU B 276 -13.42 17.74 -21.37
CA GLU B 276 -13.59 16.74 -20.31
C GLU B 276 -12.33 15.90 -20.11
N TYR B 277 -12.03 15.57 -18.86
CA TYR B 277 -10.92 14.65 -18.57
C TYR B 277 -11.36 13.21 -18.71
N VAL B 278 -10.51 12.41 -19.33
CA VAL B 278 -10.84 11.01 -19.57
C VAL B 278 -9.72 10.13 -19.02
N ARG B 279 -10.04 9.41 -17.95
CA ARG B 279 -9.11 8.49 -17.32
C ARG B 279 -9.27 7.12 -17.94
N VAL B 280 -8.14 6.54 -18.32
CA VAL B 280 -8.10 5.32 -19.07
C VAL B 280 -7.36 4.23 -18.28
N TRP B 281 -8.06 3.17 -17.91
CA TRP B 281 -7.50 2.16 -17.02
C TRP B 281 -6.78 1.03 -17.77
N ILE B 282 -5.49 1.23 -17.98
CA ILE B 282 -4.65 0.17 -18.54
C ILE B 282 -4.82 -1.13 -17.76
N ALA B 283 -4.86 -1.06 -16.44
CA ALA B 283 -4.96 -2.29 -15.63
C ALA B 283 -6.23 -3.10 -15.90
N SER B 284 -7.34 -2.42 -16.16
CA SER B 284 -8.59 -3.11 -16.48
C SER B 284 -8.61 -3.61 -17.92
N ALA B 285 -8.17 -2.76 -18.84
CA ALA B 285 -8.05 -3.11 -20.25
C ALA B 285 -7.28 -4.42 -20.43
N ASN B 286 -6.21 -4.56 -19.64
CA ASN B 286 -5.32 -5.71 -19.70
C ASN B 286 -5.97 -7.01 -19.24
N ARG B 287 -7.12 -6.94 -18.60
CA ARG B 287 -7.85 -8.15 -18.20
C ARG B 287 -9.09 -8.42 -19.06
N ASP B 288 -9.26 -7.67 -20.15
CA ASP B 288 -10.48 -7.76 -20.94
C ASP B 288 -10.61 -9.14 -21.61
N GLU B 289 -11.62 -9.89 -21.19
CA GLU B 289 -11.81 -11.26 -21.70
C GLU B 289 -12.03 -11.30 -23.21
N GLU B 290 -12.52 -10.20 -23.79
CA GLU B 290 -12.75 -10.17 -25.22
C GLU B 290 -11.45 -10.13 -26.00
N VAL B 291 -10.35 -9.82 -25.32
CA VAL B 291 -9.04 -9.73 -25.98
C VAL B 291 -8.06 -10.79 -25.45
N PHE B 292 -8.07 -11.00 -24.14
CA PHE B 292 -7.20 -11.97 -23.48
C PHE B 292 -8.02 -13.11 -22.90
N HIS B 293 -8.09 -14.24 -23.62
CA HIS B 293 -8.89 -15.37 -23.19
C HIS B 293 -8.38 -15.91 -21.85
N ASP B 294 -9.30 -16.29 -20.96
CA ASP B 294 -8.94 -16.62 -19.58
C ASP B 294 -8.06 -15.51 -18.99
N GLY B 295 -8.56 -14.28 -19.08
CA GLY B 295 -7.77 -13.10 -18.78
C GLY B 295 -7.37 -12.92 -17.33
N GLU B 296 -8.05 -13.61 -16.42
CA GLU B 296 -7.70 -13.54 -15.01
C GLU B 296 -6.63 -14.57 -14.63
N LYS B 297 -6.26 -15.43 -15.57
CA LYS B 297 -5.19 -16.40 -15.29
C LYS B 297 -3.84 -15.84 -15.67
N PHE B 298 -2.83 -16.13 -14.87
CA PHE B 298 -1.47 -15.72 -15.21
C PHE B 298 -0.85 -16.82 -16.04
N ILE B 299 -0.70 -16.57 -17.33
CA ILE B 299 -0.17 -17.58 -18.25
C ILE B 299 1.18 -17.10 -18.79
N PRO B 300 2.27 -17.68 -18.27
CA PRO B 300 3.60 -17.13 -18.48
C PRO B 300 4.05 -17.23 -19.94
N ASP B 301 3.42 -18.07 -20.73
CA ASP B 301 3.76 -18.16 -22.15
C ASP B 301 2.59 -17.68 -23.00
N ARG B 302 1.78 -16.77 -22.44
CA ARG B 302 0.65 -16.22 -23.17
C ARG B 302 1.11 -15.59 -24.47
N ASN B 303 0.41 -15.90 -25.55
CA ASN B 303 0.72 -15.34 -26.86
C ASN B 303 -0.45 -15.56 -27.82
N PRO B 304 -0.94 -14.50 -28.48
CA PRO B 304 -0.49 -13.10 -28.43
C PRO B 304 -0.74 -12.47 -27.07
N ASN B 305 -0.06 -11.36 -26.80
CA ASN B 305 -0.25 -10.64 -25.55
C ASN B 305 -0.14 -9.13 -25.80
N PRO B 306 -1.16 -8.55 -26.46
CA PRO B 306 -1.17 -7.14 -26.85
C PRO B 306 -1.57 -6.21 -25.70
N HIS B 307 -0.87 -6.30 -24.57
CA HIS B 307 -1.23 -5.50 -23.40
C HIS B 307 -0.96 -4.03 -23.66
N LEU B 308 -1.55 -3.17 -22.83
CA LEU B 308 -1.42 -1.73 -23.03
C LEU B 308 -0.48 -1.11 -22.00
N SER B 309 0.38 -1.92 -21.40
CA SER B 309 1.15 -1.43 -20.25
C SER B 309 2.21 -0.40 -20.60
N PHE B 310 2.62 -0.38 -21.87
CA PHE B 310 3.49 0.69 -22.37
C PHE B 310 2.69 1.71 -23.19
N GLY B 311 1.38 1.66 -23.10
CA GLY B 311 0.53 2.56 -23.86
C GLY B 311 0.23 2.02 -25.24
N SER B 312 -0.13 2.93 -26.14
CA SER B 312 -0.53 2.57 -27.50
C SER B 312 -0.61 3.86 -28.33
N GLY B 313 -0.04 3.83 -29.52
CA GLY B 313 -0.06 5.00 -30.40
C GLY B 313 1.20 5.84 -30.34
N ILE B 314 1.07 7.15 -30.49
CA ILE B 314 2.26 7.98 -30.65
C ILE B 314 3.06 8.17 -29.36
N HIS B 315 2.44 7.96 -28.20
CA HIS B 315 3.16 8.08 -26.92
C HIS B 315 3.68 6.74 -26.37
N LEU B 316 3.53 5.68 -27.17
CA LEU B 316 4.04 4.34 -26.82
C LEU B 316 5.43 4.45 -26.23
N CYS B 317 5.56 3.96 -24.99
CA CYS B 317 6.74 4.23 -24.15
C CYS B 317 8.05 4.18 -24.92
N LEU B 318 8.80 5.27 -24.87
CA LEU B 318 10.10 5.32 -25.53
C LEU B 318 11.08 4.34 -24.91
N GLY B 319 10.95 4.13 -23.61
CA GLY B 319 11.86 3.27 -22.87
C GLY B 319 11.54 1.79 -22.88
N ALA B 320 10.47 1.38 -23.55
CA ALA B 320 10.01 -0.02 -23.52
C ALA B 320 11.08 -1.07 -23.79
N PRO B 321 11.95 -0.86 -24.81
CA PRO B 321 12.96 -1.92 -25.06
C PRO B 321 13.99 -2.01 -23.95
N LEU B 322 14.30 -0.86 -23.34
CA LEU B 322 15.24 -0.84 -22.23
C LEU B 322 14.62 -1.48 -20.98
N ALA B 323 13.38 -1.09 -20.64
CA ALA B 323 12.74 -1.67 -19.46
C ALA B 323 12.60 -3.17 -19.62
N ARG B 324 12.22 -3.62 -20.81
CA ARG B 324 12.11 -5.05 -21.08
C ARG B 324 13.43 -5.76 -20.91
N LEU B 325 14.51 -5.15 -21.39
CA LEU B 325 15.84 -5.76 -21.32
C LEU B 325 16.35 -5.83 -19.89
N GLU B 326 16.13 -4.77 -19.13
CA GLU B 326 16.61 -4.74 -17.76
C GLU B 326 15.86 -5.77 -16.93
N ALA B 327 14.55 -5.87 -17.14
CA ALA B 327 13.74 -6.82 -16.39
C ALA B 327 14.14 -8.27 -16.72
N ARG B 328 14.37 -8.53 -18.01
CA ARG B 328 14.78 -9.86 -18.47
C ARG B 328 16.08 -10.29 -17.82
N ILE B 329 17.06 -9.40 -17.84
CA ILE B 329 18.38 -9.70 -17.30
C ILE B 329 18.31 -9.82 -15.78
N ALA B 330 17.48 -9.00 -15.15
CA ALA B 330 17.34 -9.09 -13.71
C ALA B 330 16.76 -10.45 -13.33
N ILE B 331 15.68 -10.83 -14.01
CA ILE B 331 14.99 -12.09 -13.72
C ILE B 331 15.83 -13.30 -14.09
N GLU B 332 16.56 -13.21 -15.20
CA GLU B 332 17.43 -14.31 -15.61
C GLU B 332 18.48 -14.57 -14.56
N GLU B 333 19.20 -13.52 -14.17
CA GLU B 333 20.33 -13.69 -13.26
C GLU B 333 19.84 -14.10 -11.88
N PHE B 334 18.72 -13.55 -11.46
CA PHE B 334 18.12 -13.88 -10.18
C PHE B 334 17.75 -15.38 -10.14
N SER B 335 17.10 -15.84 -11.21
CA SER B 335 16.66 -17.23 -11.31
C SER B 335 17.81 -18.23 -11.37
N LYS B 336 18.94 -17.81 -11.95
CA LYS B 336 20.14 -18.66 -12.01
C LYS B 336 20.88 -18.70 -10.68
N ARG B 337 20.79 -17.60 -9.94
CA ARG B 337 21.60 -17.40 -8.75
C ARG B 337 20.99 -18.03 -7.51
N PHE B 338 19.67 -18.10 -7.46
CA PHE B 338 18.96 -18.53 -6.27
C PHE B 338 17.94 -19.61 -6.56
N ARG B 339 17.58 -20.35 -5.51
CA ARG B 339 16.48 -21.31 -5.54
C ARG B 339 15.57 -21.12 -4.34
N HIS B 340 14.37 -21.69 -4.41
CA HIS B 340 13.50 -21.84 -3.24
C HIS B 340 13.17 -20.52 -2.55
N ILE B 341 12.80 -19.52 -3.35
CA ILE B 341 12.36 -18.27 -2.78
C ILE B 341 11.13 -18.48 -1.92
N GLU B 342 11.14 -17.84 -0.75
CA GLU B 342 9.97 -17.76 0.09
C GLU B 342 9.81 -16.30 0.47
N ILE B 343 8.62 -15.76 0.24
CA ILE B 343 8.39 -14.38 0.58
C ILE B 343 8.01 -14.29 2.06
N LEU B 344 8.62 -13.32 2.75
CA LEU B 344 8.44 -13.14 4.18
C LEU B 344 7.59 -11.93 4.50
N ASP B 345 7.61 -10.94 3.62
CA ASP B 345 6.81 -9.74 3.84
C ASP B 345 6.77 -8.91 2.56
N THR B 346 5.67 -8.18 2.37
CA THR B 346 5.54 -7.23 1.26
C THR B 346 4.87 -5.96 1.73
N GLU B 347 5.11 -4.87 1.02
CA GLU B 347 4.42 -3.61 1.28
C GLU B 347 4.24 -2.89 -0.04
N LYS B 348 3.01 -2.51 -0.35
CA LYS B 348 2.75 -1.87 -1.64
C LYS B 348 3.04 -0.37 -1.60
N VAL B 349 3.36 0.19 -2.76
CA VAL B 349 3.49 1.62 -2.92
C VAL B 349 2.11 2.25 -2.83
N PRO B 350 1.94 3.25 -1.94
CA PRO B 350 0.64 3.91 -1.70
C PRO B 350 0.33 4.93 -2.79
N ASN B 351 -0.13 4.44 -3.92
CA ASN B 351 -0.34 5.31 -5.07
C ASN B 351 -1.38 4.65 -5.97
N GLU B 352 -2.23 5.44 -6.59
CA GLU B 352 -3.30 4.90 -7.43
C GLU B 352 -2.87 4.73 -8.88
N VAL B 353 -1.75 5.36 -9.26
CA VAL B 353 -1.25 5.26 -10.62
C VAL B 353 -0.10 4.27 -10.69
N LEU B 354 0.80 4.38 -9.73
CA LEU B 354 2.01 3.57 -9.71
C LEU B 354 1.78 2.27 -8.96
N ASN B 355 1.95 1.15 -9.66
CA ASN B 355 1.62 -0.17 -9.15
C ASN B 355 2.90 -0.94 -8.84
N GLY B 356 3.24 -1.05 -7.56
CA GLY B 356 4.50 -1.68 -7.19
C GLY B 356 4.68 -1.86 -5.70
N TYR B 357 5.90 -2.23 -5.32
CA TYR B 357 6.24 -2.63 -3.97
C TYR B 357 7.29 -1.72 -3.38
N LYS B 358 7.02 -1.25 -2.17
CA LYS B 358 7.97 -0.49 -1.37
C LYS B 358 8.94 -1.47 -0.72
N ARG B 359 8.42 -2.62 -0.30
CA ARG B 359 9.25 -3.66 0.31
C ARG B 359 8.85 -5.02 -0.23
N LEU B 360 9.84 -5.86 -0.48
CA LEU B 360 9.62 -7.24 -0.90
C LEU B 360 10.68 -8.07 -0.21
N VAL B 361 10.34 -8.54 0.99
CA VAL B 361 11.28 -9.24 1.85
C VAL B 361 11.19 -10.73 1.65
N VAL B 362 12.33 -11.36 1.37
CA VAL B 362 12.35 -12.76 0.99
C VAL B 362 13.48 -13.51 1.68
N ARG B 363 13.38 -14.84 1.65
CA ARG B 363 14.50 -15.69 2.04
C ARG B 363 14.78 -16.58 0.83
N LEU B 364 16.03 -16.96 0.67
CA LEU B 364 16.51 -17.62 -0.55
C LEU B 364 17.52 -18.72 -0.20
N LYS B 365 17.72 -19.64 -1.12
CA LYS B 365 18.85 -20.57 -1.09
C LYS B 365 19.75 -20.23 -2.28
N SER B 366 21.07 -20.30 -2.08
CA SER B 366 22.01 -19.98 -3.16
C SER B 366 22.15 -21.09 -4.21
N ASN B 367 22.71 -20.69 -5.36
CA ASN B 367 22.80 -21.44 -6.63
C ASN B 367 21.80 -22.56 -6.86
#